data_1N0L
#
_entry.id   1N0L
#
_cell.length_a   56.070
_cell.length_b   56.863
_cell.length_c   60.931
_cell.angle_alpha   108.57
_cell.angle_beta   89.26
_cell.angle_gamma   104.14
#
_symmetry.space_group_name_H-M   'P 1'
#
loop_
_entity.id
_entity.type
_entity.pdbx_description
1 polymer 'Chaperone protein PapD'
2 polymer 'mature Fimbrial protein PapE'
3 water water
#
loop_
_entity_poly.entity_id
_entity_poly.type
_entity_poly.pdbx_seq_one_letter_code
_entity_poly.pdbx_strand_id
1 'polypeptide(L)'
;AVSLDRTRAVFDGSEKS(MSE)TLDISNDNKQLPYLAQAWIENENQEKIITGPVIATPPVQRLEPGAKS(MSE)VRLSTT
PDISKLPQDRESLFYFNLREIPPRSEKANVLQIALQTKIKLFYRPAAIKTRPNEVWQDQLILNKVSGGYRIENPTPYYVT
VIGLGGSEKQAEEGEFETV(MSE)LSPRSEQTVKSANYNTPYLSYINDYGGRPVLSFICNGSRCSVKKEKHHHHHH
;
A,C
2 'polypeptide(L)'
;VPACTVSNTTVDWQDVEIQTLSQNGNHEKEFTVN(MSE)RCPYNLGT(MSE)KVTITATNTYNNAILVQNTSNTSSDGLL
VYLYNSNAGNIGTAITLGTPFTPGKITGNNADKTISLHAKLGYKGN(MSE)QNLIAGPFSATATLVASYS
;
B,D
#
# COMPACT_ATOMS: atom_id res chain seq x y z
N ALA A 1 18.83 -24.36 -0.54
CA ALA A 1 18.87 -22.98 -1.12
C ALA A 1 20.32 -22.52 -1.24
N VAL A 2 20.88 -22.55 -2.44
CA VAL A 2 22.25 -22.14 -2.69
C VAL A 2 22.37 -20.61 -2.64
N SER A 3 23.24 -20.07 -1.81
CA SER A 3 23.38 -18.63 -1.73
C SER A 3 24.80 -18.14 -2.03
N LEU A 4 24.88 -16.95 -2.62
CA LEU A 4 26.16 -16.33 -2.98
C LEU A 4 26.33 -15.09 -2.11
N ASP A 5 27.56 -14.86 -1.65
CA ASP A 5 27.88 -13.74 -0.76
C ASP A 5 27.91 -12.33 -1.33
N ARG A 6 27.81 -12.17 -2.64
CA ARG A 6 27.85 -10.82 -3.20
C ARG A 6 27.04 -10.67 -4.47
N THR A 7 26.74 -9.42 -4.82
CA THR A 7 25.95 -9.13 -6.02
C THR A 7 26.80 -8.69 -7.19
N ARG A 8 28.11 -8.58 -6.95
CA ARG A 8 29.08 -8.23 -7.98
C ARG A 8 30.42 -8.65 -7.41
N ALA A 9 31.38 -8.88 -8.28
CA ALA A 9 32.71 -9.27 -7.85
C ALA A 9 33.76 -8.40 -8.53
N VAL A 10 34.73 -7.92 -7.77
CA VAL A 10 35.81 -7.13 -8.34
C VAL A 10 37.08 -7.97 -8.27
N PHE A 11 37.67 -8.26 -9.42
CA PHE A 11 38.89 -9.04 -9.45
C PHE A 11 40.12 -8.13 -9.52
N ASP A 12 40.84 -8.07 -8.41
CA ASP A 12 42.06 -7.26 -8.29
C ASP A 12 43.13 -7.82 -9.24
N GLY A 13 43.34 -7.12 -10.36
CA GLY A 13 44.31 -7.55 -11.34
C GLY A 13 45.70 -7.88 -10.85
N SER A 14 46.07 -7.35 -9.68
CA SER A 14 47.40 -7.60 -9.13
C SER A 14 47.40 -8.90 -8.35
N GLU A 15 46.32 -9.65 -8.46
CA GLU A 15 46.20 -10.91 -7.77
C GLU A 15 45.96 -12.01 -8.79
N LYS A 16 46.34 -13.22 -8.44
CA LYS A 16 46.19 -14.36 -9.33
C LYS A 16 44.82 -15.01 -9.21
N SER A 17 44.19 -14.85 -8.05
CA SER A 17 42.88 -15.44 -7.84
C SER A 17 42.17 -14.81 -6.65
N MSE A 18 40.90 -15.16 -6.49
CA MSE A 18 40.09 -14.67 -5.38
C MSE A 18 38.97 -15.70 -5.21
O MSE A 18 38.62 -16.41 -6.15
CB MSE A 18 39.50 -13.30 -5.70
CG MSE A 18 38.31 -13.35 -6.65
SE MSE A 18 37.60 -11.60 -7.04
CE MSE A 18 36.86 -11.16 -5.32
N THR A 19 38.42 -15.77 -4.01
CA THR A 19 37.36 -16.73 -3.74
C THR A 19 36.02 -16.07 -3.48
N LEU A 20 34.98 -16.83 -3.74
CA LEU A 20 33.61 -16.39 -3.52
C LEU A 20 33.00 -17.42 -2.57
N ASP A 21 32.38 -16.96 -1.50
CA ASP A 21 31.74 -17.82 -0.52
C ASP A 21 30.33 -18.17 -0.97
N ILE A 22 29.99 -19.46 -0.89
CA ILE A 22 28.66 -19.92 -1.26
C ILE A 22 28.15 -20.87 -0.18
N SER A 23 26.84 -21.12 -0.16
CA SER A 23 26.32 -22.03 0.84
C SER A 23 24.94 -22.57 0.53
N ASN A 24 24.70 -23.77 1.02
CA ASN A 24 23.41 -24.41 0.87
C ASN A 24 22.77 -24.28 2.24
N ASP A 25 21.78 -23.39 2.35
CA ASP A 25 21.12 -23.16 3.63
C ASP A 25 19.90 -24.04 3.86
N ASN A 26 19.78 -25.09 3.04
CA ASN A 26 18.67 -26.02 3.19
C ASN A 26 19.09 -26.95 4.31
N LYS A 27 18.22 -27.13 5.28
CA LYS A 27 18.51 -27.97 6.43
C LYS A 27 18.51 -29.49 6.19
N GLN A 28 17.70 -29.97 5.26
CA GLN A 28 17.62 -31.41 5.02
C GLN A 28 18.16 -31.96 3.70
N LEU A 29 18.25 -31.12 2.68
CA LEU A 29 18.69 -31.61 1.38
C LEU A 29 20.00 -31.04 0.83
N PRO A 30 20.73 -31.86 0.06
CA PRO A 30 22.01 -31.46 -0.54
C PRO A 30 21.73 -30.79 -1.89
N TYR A 31 22.57 -29.83 -2.25
CA TYR A 31 22.39 -29.12 -3.50
C TYR A 31 23.63 -29.21 -4.37
N LEU A 32 23.43 -29.00 -5.68
CA LEU A 32 24.54 -28.98 -6.61
C LEU A 32 24.72 -27.52 -6.97
N ALA A 33 25.96 -27.07 -7.08
CA ALA A 33 26.24 -25.69 -7.43
C ALA A 33 27.10 -25.61 -8.68
N GLN A 34 26.50 -25.15 -9.78
CA GLN A 34 27.23 -24.98 -11.03
C GLN A 34 27.77 -23.56 -11.07
N ALA A 35 29.03 -23.42 -11.49
CA ALA A 35 29.68 -22.12 -11.59
C ALA A 35 30.38 -21.99 -12.93
N TRP A 36 30.32 -20.79 -13.52
CA TRP A 36 30.96 -20.55 -14.81
C TRP A 36 31.04 -19.07 -15.14
N ILE A 37 31.93 -18.71 -16.06
CA ILE A 37 32.10 -17.31 -16.46
C ILE A 37 31.59 -17.06 -17.87
N GLU A 38 31.07 -15.86 -18.07
CA GLU A 38 30.58 -15.43 -19.36
C GLU A 38 31.37 -14.18 -19.72
N ASN A 39 31.41 -13.85 -21.01
CA ASN A 39 32.13 -12.67 -21.47
C ASN A 39 31.28 -11.43 -21.39
N GLU A 40 31.83 -10.34 -21.92
CA GLU A 40 31.18 -9.05 -21.97
C GLU A 40 29.75 -9.20 -22.46
N ASN A 41 29.57 -10.05 -23.46
CA ASN A 41 28.23 -10.23 -24.00
C ASN A 41 27.44 -11.39 -23.40
N GLN A 42 27.90 -11.89 -22.26
CA GLN A 42 27.24 -12.97 -21.56
C GLN A 42 27.29 -14.31 -22.26
N GLU A 43 28.40 -14.56 -22.96
CA GLU A 43 28.59 -15.82 -23.65
C GLU A 43 29.59 -16.61 -22.81
N LYS A 44 29.26 -17.86 -22.54
CA LYS A 44 30.10 -18.73 -21.73
C LYS A 44 31.50 -18.92 -22.32
N ILE A 45 32.50 -18.86 -21.45
CA ILE A 45 33.89 -19.04 -21.84
C ILE A 45 34.48 -20.11 -20.95
N ILE A 46 35.26 -21.02 -21.51
CA ILE A 46 35.84 -22.10 -20.72
C ILE A 46 37.37 -22.15 -20.74
N THR A 47 38.01 -21.25 -21.47
CA THR A 47 39.46 -21.25 -21.54
C THR A 47 40.10 -19.91 -21.25
N GLY A 48 39.62 -19.25 -20.19
CA GLY A 48 40.18 -17.96 -19.81
C GLY A 48 39.59 -16.77 -20.54
N PRO A 49 40.13 -15.56 -20.30
CA PRO A 49 41.25 -15.35 -19.37
C PRO A 49 40.88 -15.47 -17.89
N VAL A 50 39.58 -15.54 -17.59
CA VAL A 50 39.12 -15.69 -16.22
C VAL A 50 38.35 -17.01 -16.15
N ILE A 51 38.72 -17.89 -15.23
CA ILE A 51 38.03 -19.17 -15.11
C ILE A 51 37.41 -19.38 -13.72
N ALA A 52 36.39 -20.23 -13.66
CA ALA A 52 35.71 -20.52 -12.39
C ALA A 52 36.01 -21.96 -12.02
N THR A 53 36.44 -22.17 -10.78
CA THR A 53 36.78 -23.50 -10.30
C THR A 53 36.19 -23.75 -8.92
N PRO A 54 35.50 -24.90 -8.75
CA PRO A 54 35.24 -25.94 -9.75
C PRO A 54 33.95 -25.69 -10.53
N PRO A 55 33.84 -26.26 -11.74
CA PRO A 55 32.64 -26.10 -12.58
C PRO A 55 31.36 -26.54 -11.88
N VAL A 56 31.42 -27.69 -11.21
CA VAL A 56 30.27 -28.23 -10.50
C VAL A 56 30.71 -28.85 -9.18
N GLN A 57 29.88 -28.66 -8.15
CA GLN A 57 30.17 -29.22 -6.84
C GLN A 57 28.88 -29.47 -6.06
N ARG A 58 28.95 -30.40 -5.11
CA ARG A 58 27.79 -30.71 -4.29
C ARG A 58 27.94 -30.06 -2.92
N LEU A 59 26.83 -29.64 -2.35
CA LEU A 59 26.82 -29.03 -1.02
C LEU A 59 25.80 -29.78 -0.18
N GLU A 60 26.26 -30.50 0.83
CA GLU A 60 25.34 -31.23 1.69
C GLU A 60 24.60 -30.18 2.50
N PRO A 61 23.43 -30.53 3.06
CA PRO A 61 22.65 -29.59 3.87
C PRO A 61 23.45 -28.70 4.83
N GLY A 62 23.21 -27.40 4.73
CA GLY A 62 23.89 -26.46 5.60
C GLY A 62 25.38 -26.34 5.38
N ALA A 63 25.90 -27.04 4.38
CA ALA A 63 27.33 -26.99 4.10
C ALA A 63 27.74 -25.66 3.47
N LYS A 64 29.00 -25.29 3.69
CA LYS A 64 29.57 -24.07 3.15
C LYS A 64 30.70 -24.49 2.24
N SER A 65 31.02 -23.64 1.28
CA SER A 65 32.09 -23.93 0.33
C SER A 65 32.50 -22.65 -0.36
N MSE A 66 33.28 -22.78 -1.42
CA MSE A 66 33.73 -21.62 -2.16
C MSE A 66 33.83 -21.90 -3.65
O MSE A 66 33.66 -23.03 -4.12
CB MSE A 66 35.11 -21.16 -1.67
CG MSE A 66 35.16 -20.80 -0.20
SE MSE A 66 36.92 -20.14 0.26
CE MSE A 66 37.92 -21.74 -0.17
N VAL A 67 34.10 -20.84 -4.40
CA VAL A 67 34.29 -20.92 -5.83
C VAL A 67 35.50 -20.03 -6.04
N ARG A 68 36.48 -20.56 -6.76
CA ARG A 68 37.71 -19.83 -7.01
C ARG A 68 37.73 -19.18 -8.39
N LEU A 69 38.09 -17.91 -8.43
CA LEU A 69 38.20 -17.19 -9.69
C LEU A 69 39.68 -16.98 -9.92
N SER A 70 40.21 -17.49 -11.02
CA SER A 70 41.62 -17.32 -11.29
C SER A 70 41.78 -16.91 -12.74
N THR A 71 42.88 -16.21 -13.04
CA THR A 71 43.13 -15.77 -14.39
C THR A 71 44.18 -16.62 -15.09
N THR A 72 44.16 -16.58 -16.41
CA THR A 72 45.12 -17.35 -17.20
C THR A 72 46.16 -16.39 -17.77
N PRO A 73 47.15 -16.92 -18.51
CA PRO A 73 48.19 -16.10 -19.11
C PRO A 73 47.66 -14.94 -19.96
N ASP A 74 46.71 -15.23 -20.84
CA ASP A 74 46.14 -14.21 -21.72
C ASP A 74 45.45 -13.03 -21.03
N ILE A 75 45.31 -13.10 -19.72
CA ILE A 75 44.68 -12.02 -18.98
C ILE A 75 45.43 -10.70 -19.21
N SER A 76 46.69 -10.82 -19.63
CA SER A 76 47.53 -9.65 -19.88
C SER A 76 47.18 -8.92 -21.17
N LYS A 77 46.48 -9.60 -22.07
CA LYS A 77 46.11 -8.97 -23.33
C LYS A 77 44.95 -7.99 -23.17
N LEU A 78 44.39 -7.93 -21.96
CA LEU A 78 43.29 -7.00 -21.69
C LEU A 78 43.88 -5.63 -21.40
N PRO A 79 43.15 -4.56 -21.73
CA PRO A 79 43.67 -3.22 -21.46
C PRO A 79 44.05 -3.13 -19.97
N GLN A 80 45.10 -2.36 -19.66
CA GLN A 80 45.53 -2.22 -18.27
C GLN A 80 45.20 -0.84 -17.75
N ASP A 81 44.47 -0.06 -18.54
CA ASP A 81 44.10 1.28 -18.13
C ASP A 81 42.59 1.45 -17.97
N ARG A 82 41.89 0.32 -17.92
CA ARG A 82 40.43 0.32 -17.75
C ARG A 82 39.95 -1.08 -17.34
N GLU A 83 38.67 -1.18 -16.97
CA GLU A 83 38.14 -2.48 -16.55
C GLU A 83 37.59 -3.28 -17.71
N SER A 84 37.62 -4.59 -17.56
CA SER A 84 37.08 -5.51 -18.55
C SER A 84 35.93 -6.18 -17.81
N LEU A 85 34.78 -6.28 -18.46
CA LEU A 85 33.61 -6.88 -17.85
C LEU A 85 33.38 -8.34 -18.19
N PHE A 86 33.09 -9.11 -17.15
CA PHE A 86 32.78 -10.54 -17.29
C PHE A 86 31.56 -10.78 -16.41
N TYR A 87 31.02 -11.99 -16.42
CA TYR A 87 29.88 -12.29 -15.58
C TYR A 87 30.12 -13.60 -14.84
N PHE A 88 29.78 -13.61 -13.55
CA PHE A 88 29.94 -14.82 -12.78
C PHE A 88 28.55 -15.41 -12.64
N ASN A 89 28.42 -16.70 -12.94
CA ASN A 89 27.12 -17.34 -12.85
C ASN A 89 27.15 -18.48 -11.84
N LEU A 90 26.09 -18.59 -11.05
CA LEU A 90 25.96 -19.66 -10.06
C LEU A 90 24.55 -20.22 -10.16
N ARG A 91 24.45 -21.45 -10.62
CA ARG A 91 23.15 -22.09 -10.79
C ARG A 91 23.02 -23.27 -9.83
N GLU A 92 21.87 -23.35 -9.17
CA GLU A 92 21.66 -24.45 -8.24
C GLU A 92 20.92 -25.60 -8.90
N ILE A 93 21.31 -26.81 -8.53
CA ILE A 93 20.64 -28.00 -9.02
C ILE A 93 20.03 -28.64 -7.79
N PRO A 94 18.73 -28.40 -7.55
CA PRO A 94 18.02 -28.95 -6.40
C PRO A 94 17.84 -30.46 -6.46
N PRO A 95 17.88 -31.13 -5.29
CA PRO A 95 17.72 -32.58 -5.26
C PRO A 95 16.51 -32.97 -6.10
N ARG A 96 16.66 -34.02 -6.90
CA ARG A 96 15.55 -34.46 -7.73
C ARG A 96 14.35 -34.81 -6.88
N SER A 97 13.24 -34.12 -7.09
CA SER A 97 12.03 -34.37 -6.32
C SER A 97 11.56 -35.80 -6.55
N GLU A 98 11.24 -36.49 -5.47
CA GLU A 98 10.78 -37.87 -5.55
C GLU A 98 9.34 -37.90 -6.08
N LYS A 99 8.73 -36.72 -6.16
CA LYS A 99 7.36 -36.60 -6.64
C LYS A 99 7.22 -36.78 -8.15
N ALA A 100 5.98 -36.90 -8.63
CA ALA A 100 5.72 -37.08 -10.05
C ALA A 100 4.90 -35.93 -10.63
N ASN A 101 5.12 -35.63 -11.90
CA ASN A 101 4.42 -34.54 -12.58
C ASN A 101 4.72 -33.24 -11.85
N VAL A 102 6.01 -32.93 -11.73
CA VAL A 102 6.45 -31.74 -11.03
C VAL A 102 7.43 -30.87 -11.82
N LEU A 103 7.26 -29.55 -11.70
CA LEU A 103 8.14 -28.59 -12.36
C LEU A 103 9.04 -27.95 -11.30
N GLN A 104 10.33 -28.25 -11.39
CA GLN A 104 11.31 -27.71 -10.46
C GLN A 104 11.79 -26.31 -10.86
N ILE A 105 11.86 -25.42 -9.89
CA ILE A 105 12.34 -24.07 -10.12
C ILE A 105 13.76 -23.98 -9.55
N ALA A 106 14.72 -23.67 -10.40
CA ALA A 106 16.11 -23.54 -9.97
C ALA A 106 16.55 -22.09 -10.08
N LEU A 107 17.40 -21.66 -9.16
CA LEU A 107 17.89 -20.29 -9.17
C LEU A 107 19.26 -20.18 -9.82
N GLN A 108 19.39 -19.19 -10.68
CA GLN A 108 20.65 -18.92 -11.32
C GLN A 108 20.98 -17.46 -10.99
N THR A 109 22.09 -17.25 -10.32
CA THR A 109 22.54 -15.94 -9.96
C THR A 109 23.65 -15.49 -10.93
N LYS A 110 23.45 -14.34 -11.56
CA LYS A 110 24.42 -13.79 -12.51
C LYS A 110 24.84 -12.40 -12.02
N ILE A 111 26.10 -12.25 -11.69
CA ILE A 111 26.60 -10.99 -11.20
C ILE A 111 27.74 -10.51 -12.10
N LYS A 112 27.98 -9.20 -12.05
CA LYS A 112 29.04 -8.59 -12.82
C LYS A 112 30.36 -8.91 -12.16
N LEU A 113 31.34 -9.29 -12.98
CA LEU A 113 32.67 -9.61 -12.48
C LEU A 113 33.63 -8.65 -13.15
N PHE A 114 34.01 -7.60 -12.44
CA PHE A 114 34.91 -6.58 -12.96
C PHE A 114 36.39 -6.91 -12.84
N TYR A 115 37.05 -7.06 -13.98
CA TYR A 115 38.47 -7.30 -13.98
C TYR A 115 39.01 -5.88 -13.90
N ARG A 116 39.69 -5.55 -12.81
CA ARG A 116 40.25 -4.22 -12.62
C ARG A 116 41.77 -4.37 -12.57
N PRO A 117 42.46 -3.95 -13.64
CA PRO A 117 43.93 -4.06 -13.67
C PRO A 117 44.63 -3.26 -12.58
N ALA A 118 45.81 -3.73 -12.19
CA ALA A 118 46.60 -3.10 -11.13
C ALA A 118 46.80 -1.60 -11.32
N ALA A 119 47.18 -1.19 -12.51
CA ALA A 119 47.40 0.24 -12.76
C ALA A 119 46.23 1.12 -12.33
N ILE A 120 45.05 0.52 -12.14
CA ILE A 120 43.92 1.32 -11.70
C ILE A 120 43.32 0.76 -10.42
N LYS A 121 44.14 -0.02 -9.71
CA LYS A 121 43.76 -0.61 -8.44
C LYS A 121 43.18 0.45 -7.53
N THR A 122 42.09 0.13 -6.87
CA THR A 122 41.44 1.08 -5.99
C THR A 122 41.73 0.78 -4.52
N ARG A 123 41.40 1.72 -3.65
CA ARG A 123 41.58 1.53 -2.22
C ARG A 123 40.18 1.44 -1.62
N PRO A 124 40.06 0.82 -0.44
CA PRO A 124 38.76 0.69 0.21
C PRO A 124 38.03 2.02 0.37
N ASN A 125 36.73 1.99 0.14
CA ASN A 125 35.91 3.18 0.28
C ASN A 125 36.22 4.33 -0.66
N GLU A 126 37.06 4.09 -1.65
CA GLU A 126 37.41 5.11 -2.65
C GLU A 126 36.19 5.34 -3.53
N VAL A 127 35.91 6.61 -3.84
CA VAL A 127 34.77 6.97 -4.67
C VAL A 127 35.20 7.71 -5.93
N TRP A 128 34.88 7.14 -7.08
CA TRP A 128 35.23 7.75 -8.35
C TRP A 128 33.98 8.15 -9.12
N GLN A 129 32.83 7.65 -8.67
CA GLN A 129 31.57 7.92 -9.33
C GLN A 129 31.12 9.36 -9.24
N ASP A 130 31.73 10.12 -8.35
CA ASP A 130 31.38 11.52 -8.21
C ASP A 130 31.96 12.30 -9.40
N GLN A 131 32.70 11.62 -10.28
CA GLN A 131 33.30 12.28 -11.43
C GLN A 131 32.35 12.29 -12.63
N LEU A 132 31.20 11.66 -12.47
CA LEU A 132 30.23 11.63 -13.56
C LEU A 132 29.86 13.06 -13.88
N ILE A 133 29.39 13.27 -15.11
CA ILE A 133 28.97 14.58 -15.58
C ILE A 133 27.66 14.41 -16.31
N LEU A 134 26.68 15.22 -15.95
CA LEU A 134 25.38 15.17 -16.58
C LEU A 134 25.21 16.38 -17.50
N ASN A 135 24.93 16.12 -18.78
CA ASN A 135 24.74 17.18 -19.75
C ASN A 135 23.31 17.15 -20.26
N LYS A 136 22.56 18.20 -19.96
CA LYS A 136 21.18 18.28 -20.38
C LYS A 136 21.05 18.24 -21.91
N VAL A 137 20.12 17.44 -22.39
CA VAL A 137 19.87 17.32 -23.82
C VAL A 137 18.39 17.05 -23.99
N SER A 138 17.90 17.07 -25.23
CA SER A 138 16.50 16.81 -25.45
C SER A 138 16.20 15.38 -25.02
N GLY A 139 15.17 15.21 -24.20
CA GLY A 139 14.82 13.89 -23.72
C GLY A 139 15.24 13.70 -22.29
N GLY A 140 16.48 14.09 -21.99
CA GLY A 140 16.99 13.94 -20.63
C GLY A 140 18.39 14.47 -20.42
N TYR A 141 19.35 13.56 -20.25
CA TYR A 141 20.74 13.96 -20.03
C TYR A 141 21.69 12.96 -20.65
N ARG A 142 22.80 13.45 -21.19
CA ARG A 142 23.81 12.56 -21.74
C ARG A 142 24.75 12.46 -20.54
N ILE A 143 24.93 11.24 -20.04
CA ILE A 143 25.78 11.03 -18.87
C ILE A 143 27.17 10.60 -19.30
N GLU A 144 28.18 11.26 -18.73
CA GLU A 144 29.56 10.97 -19.05
C GLU A 144 30.33 10.36 -17.89
N ASN A 145 31.00 9.25 -18.18
CA ASN A 145 31.81 8.58 -17.20
C ASN A 145 33.24 8.65 -17.71
N PRO A 146 34.01 9.61 -17.20
CA PRO A 146 35.39 9.76 -17.66
C PRO A 146 36.35 8.84 -16.88
N THR A 147 35.82 8.00 -16.01
CA THR A 147 36.70 7.13 -15.22
C THR A 147 37.03 5.83 -15.93
N PRO A 148 38.03 5.11 -15.42
CA PRO A 148 38.48 3.84 -16.00
C PRO A 148 37.59 2.67 -15.57
N TYR A 149 36.54 2.96 -14.81
CA TYR A 149 35.66 1.91 -14.30
C TYR A 149 34.23 1.90 -14.81
N TYR A 150 33.60 0.74 -14.78
CA TYR A 150 32.20 0.64 -15.17
C TYR A 150 31.41 1.28 -14.05
N VAL A 151 30.42 2.07 -14.41
CA VAL A 151 29.60 2.71 -13.41
C VAL A 151 28.14 2.41 -13.66
N THR A 152 27.51 1.80 -12.69
CA THR A 152 26.11 1.43 -12.81
C THR A 152 25.25 2.45 -12.10
N VAL A 153 24.35 3.06 -12.87
CA VAL A 153 23.46 4.10 -12.39
C VAL A 153 22.07 3.50 -12.26
N ILE A 154 21.49 3.61 -11.07
CA ILE A 154 20.16 3.06 -10.83
C ILE A 154 19.10 4.10 -10.55
N GLY A 155 19.50 5.36 -10.39
CA GLY A 155 18.52 6.39 -10.12
C GLY A 155 18.93 7.78 -10.58
N LEU A 156 17.92 8.59 -10.92
CA LEU A 156 18.15 9.95 -11.37
C LEU A 156 16.86 10.75 -11.19
N GLY A 157 16.93 11.83 -10.42
CA GLY A 157 15.74 12.62 -10.19
C GLY A 157 15.97 14.04 -9.70
N GLY A 158 14.87 14.74 -9.41
CA GLY A 158 14.95 16.11 -8.93
C GLY A 158 15.30 16.20 -7.45
N SER A 159 14.89 15.20 -6.68
CA SER A 159 15.18 15.18 -5.26
C SER A 159 15.97 13.92 -4.97
N GLU A 160 16.58 13.88 -3.79
CA GLU A 160 17.38 12.75 -3.36
C GLU A 160 16.50 11.51 -3.22
N LYS A 161 15.26 11.72 -2.83
CA LYS A 161 14.35 10.61 -2.64
C LYS A 161 13.82 10.15 -4.00
N GLN A 162 13.73 11.08 -4.94
CA GLN A 162 13.25 10.80 -6.28
C GLN A 162 14.28 9.95 -7.01
N ALA A 163 15.55 10.10 -6.62
CA ALA A 163 16.61 9.33 -7.23
C ALA A 163 16.69 7.93 -6.62
N GLU A 164 16.36 7.82 -5.33
CA GLU A 164 16.41 6.53 -4.66
C GLU A 164 15.23 5.66 -5.05
N GLU A 165 14.04 6.25 -5.07
CA GLU A 165 12.84 5.53 -5.46
C GLU A 165 12.19 6.35 -6.57
N GLY A 166 12.09 5.75 -7.75
CA GLY A 166 11.50 6.47 -8.87
C GLY A 166 11.85 5.74 -10.17
N GLU A 167 10.81 5.39 -10.93
CA GLU A 167 10.98 4.68 -12.18
C GLU A 167 12.15 5.16 -13.03
N PHE A 168 13.20 4.35 -13.06
CA PHE A 168 14.39 4.69 -13.84
C PHE A 168 14.95 3.45 -14.50
N GLU A 169 15.34 3.56 -15.76
CA GLU A 169 15.92 2.41 -16.46
C GLU A 169 17.40 2.32 -16.13
N THR A 170 17.73 1.41 -15.21
CA THR A 170 19.11 1.22 -14.81
C THR A 170 20.00 1.15 -16.04
N VAL A 171 21.14 1.80 -15.96
CA VAL A 171 22.06 1.79 -17.07
C VAL A 171 23.49 1.66 -16.54
N MSE A 172 24.33 0.95 -17.29
CA MSE A 172 25.72 0.82 -16.89
C MSE A 172 26.59 1.47 -17.95
O MSE A 172 26.55 1.10 -19.13
CB MSE A 172 26.15 -0.65 -16.77
CG MSE A 172 27.63 -0.80 -16.42
SE MSE A 172 28.14 -2.58 -15.81
CE MSE A 172 27.91 -3.51 -17.46
N LEU A 173 27.37 2.44 -17.52
CA LEU A 173 28.28 3.18 -18.40
C LEU A 173 29.66 2.55 -18.36
N SER A 174 30.16 2.17 -19.54
CA SER A 174 31.48 1.57 -19.65
C SER A 174 32.51 2.64 -19.34
N PRO A 175 33.77 2.24 -19.06
CA PRO A 175 34.83 3.19 -18.76
C PRO A 175 35.00 4.17 -19.94
N ARG A 176 35.29 5.44 -19.64
CA ARG A 176 35.46 6.46 -20.69
C ARG A 176 34.39 6.38 -21.76
N SER A 177 33.15 6.60 -21.39
CA SER A 177 32.09 6.54 -22.36
C SER A 177 30.97 7.40 -21.85
N GLU A 178 29.95 7.56 -22.70
CA GLU A 178 28.79 8.34 -22.33
C GLU A 178 27.57 7.76 -22.97
N GLN A 179 26.42 8.01 -22.37
CA GLN A 179 25.15 7.53 -22.88
C GLN A 179 24.10 8.53 -22.52
N THR A 180 23.06 8.61 -23.33
CA THR A 180 21.97 9.53 -23.07
C THR A 180 20.84 8.77 -22.41
N VAL A 181 20.12 9.46 -21.53
CA VAL A 181 19.00 8.84 -20.82
C VAL A 181 17.77 9.72 -20.86
N LYS A 182 16.61 9.07 -20.94
CA LYS A 182 15.33 9.79 -20.96
C LYS A 182 15.02 10.20 -19.52
N SER A 183 14.71 11.47 -19.33
CA SER A 183 14.41 11.98 -18.01
C SER A 183 13.87 13.40 -18.05
N ALA A 184 13.16 13.77 -17.00
CA ALA A 184 12.60 15.11 -16.89
C ALA A 184 13.77 15.99 -16.48
N ASN A 185 13.68 17.28 -16.78
CA ASN A 185 14.74 18.21 -16.42
C ASN A 185 14.62 18.57 -14.95
N TYR A 186 15.72 18.48 -14.21
CA TYR A 186 15.71 18.81 -12.80
C TYR A 186 16.72 19.91 -12.54
N ASN A 187 16.34 20.88 -11.71
CA ASN A 187 17.23 21.99 -11.38
C ASN A 187 18.36 21.50 -10.51
N THR A 188 18.07 20.49 -9.69
CA THR A 188 19.07 19.92 -8.81
C THR A 188 18.98 18.40 -8.91
N PRO A 189 19.52 17.84 -9.99
CA PRO A 189 19.46 16.38 -10.16
C PRO A 189 20.25 15.62 -9.10
N TYR A 190 19.74 14.44 -8.77
CA TYR A 190 20.39 13.56 -7.82
C TYR A 190 20.54 12.25 -8.56
N LEU A 191 21.72 11.67 -8.48
CA LEU A 191 21.98 10.42 -9.16
C LEU A 191 22.34 9.37 -8.14
N SER A 192 21.87 8.15 -8.35
CA SER A 192 22.21 7.07 -7.43
C SER A 192 22.91 5.99 -8.22
N TYR A 193 23.92 5.38 -7.61
CA TYR A 193 24.68 4.33 -8.27
C TYR A 193 25.00 3.21 -7.26
N ILE A 194 25.65 2.15 -7.74
CA ILE A 194 26.00 1.02 -6.91
C ILE A 194 27.52 0.87 -6.77
N ASN A 195 28.03 0.93 -5.54
CA ASN A 195 29.46 0.78 -5.33
C ASN A 195 29.88 -0.70 -5.35
N ASP A 196 31.19 -0.93 -5.25
CA ASP A 196 31.76 -2.28 -5.26
C ASP A 196 31.10 -3.30 -4.36
N TYR A 197 30.61 -2.87 -3.19
CA TYR A 197 29.98 -3.83 -2.29
C TYR A 197 28.46 -3.79 -2.21
N GLY A 198 27.84 -3.24 -3.24
CA GLY A 198 26.39 -3.22 -3.29
C GLY A 198 25.64 -2.11 -2.60
N GLY A 199 26.38 -1.22 -1.94
CA GLY A 199 25.74 -0.09 -1.29
C GLY A 199 25.21 0.79 -2.42
N ARG A 200 24.22 1.61 -2.12
CA ARG A 200 23.61 2.50 -3.13
C ARG A 200 23.60 3.96 -2.74
N PRO A 201 24.74 4.65 -2.91
CA PRO A 201 24.93 6.07 -2.59
C PRO A 201 24.21 7.01 -3.54
N VAL A 202 23.83 8.17 -3.03
CA VAL A 202 23.15 9.19 -3.82
C VAL A 202 24.07 10.39 -3.94
N LEU A 203 24.27 10.84 -5.17
CA LEU A 203 25.11 11.98 -5.43
C LEU A 203 24.24 13.21 -5.68
N SER A 204 24.72 14.37 -5.23
CA SER A 204 24.00 15.61 -5.43
C SER A 204 24.68 16.40 -6.54
N PHE A 205 23.90 16.81 -7.54
CA PHE A 205 24.45 17.57 -8.65
C PHE A 205 24.07 19.04 -8.70
N ILE A 206 25.03 19.86 -9.10
CA ILE A 206 24.83 21.31 -9.24
C ILE A 206 24.98 21.63 -10.72
N CYS A 207 23.92 22.14 -11.33
CA CYS A 207 24.00 22.48 -12.74
C CYS A 207 24.40 23.93 -12.97
N ASN A 208 25.43 24.11 -13.79
CA ASN A 208 25.91 25.42 -14.20
C ASN A 208 25.37 25.52 -15.63
N GLY A 209 24.10 25.85 -15.73
CA GLY A 209 23.49 25.95 -17.05
C GLY A 209 23.22 24.55 -17.57
N SER A 210 23.78 24.27 -18.74
CA SER A 210 23.63 22.97 -19.41
C SER A 210 24.41 21.83 -18.77
N ARG A 211 25.46 22.16 -18.05
CA ARG A 211 26.32 21.16 -17.42
C ARG A 211 26.07 21.01 -15.92
N CYS A 212 26.10 19.78 -15.44
CA CYS A 212 25.87 19.50 -14.03
C CYS A 212 27.00 18.62 -13.51
N SER A 213 27.57 19.00 -12.37
CA SER A 213 28.66 18.22 -11.78
C SER A 213 28.48 18.14 -10.27
N VAL A 214 29.26 17.27 -9.64
CA VAL A 214 29.19 17.14 -8.19
C VAL A 214 30.25 18.05 -7.61
N LYS A 215 29.85 18.92 -6.70
CA LYS A 215 30.75 19.89 -6.06
C LYS A 215 32.10 19.29 -5.65
N VAL B 1 26.76 -6.92 -0.69
CA VAL B 1 25.64 -7.59 0.05
C VAL B 1 25.33 -8.95 -0.59
N PRO B 2 24.86 -9.92 0.22
CA PRO B 2 24.53 -11.25 -0.31
C PRO B 2 23.39 -11.24 -1.33
N ALA B 3 23.51 -12.12 -2.31
CA ALA B 3 22.51 -12.24 -3.36
C ALA B 3 21.21 -12.80 -2.81
N CYS B 4 20.11 -12.60 -3.54
CA CYS B 4 18.85 -13.14 -3.10
C CYS B 4 18.99 -14.65 -3.06
N THR B 5 18.15 -15.29 -2.26
CA THR B 5 18.15 -16.75 -2.17
C THR B 5 16.74 -17.16 -2.52
N VAL B 6 16.58 -18.37 -3.04
CA VAL B 6 15.25 -18.89 -3.37
C VAL B 6 15.13 -20.24 -2.68
N SER B 7 14.10 -20.39 -1.87
CA SER B 7 13.86 -21.65 -1.16
C SER B 7 13.16 -22.60 -2.14
N ASN B 8 13.62 -23.85 -2.15
CA ASN B 8 13.06 -24.88 -3.02
C ASN B 8 11.58 -24.66 -3.35
N THR B 9 11.28 -24.61 -4.65
CA THR B 9 9.91 -24.41 -5.10
C THR B 9 9.59 -25.37 -6.23
N THR B 10 8.43 -26.04 -6.13
CA THR B 10 8.00 -26.99 -7.13
C THR B 10 6.47 -27.00 -7.20
N VAL B 11 5.93 -26.96 -8.41
CA VAL B 11 4.49 -26.98 -8.61
C VAL B 11 4.06 -28.41 -8.93
N ASP B 12 2.87 -28.80 -8.44
CA ASP B 12 2.38 -30.17 -8.64
C ASP B 12 1.19 -30.39 -9.57
N TRP B 13 1.08 -31.64 -10.01
CA TRP B 13 0.00 -32.11 -10.89
C TRP B 13 -0.24 -33.57 -10.55
N GLN B 14 -1.51 -33.94 -10.39
CA GLN B 14 -1.88 -35.30 -10.05
C GLN B 14 -2.07 -36.18 -11.28
N ASP B 15 -2.68 -35.61 -12.31
CA ASP B 15 -2.92 -36.32 -13.56
C ASP B 15 -3.92 -35.53 -14.40
N VAL B 16 -3.65 -35.44 -15.70
CA VAL B 16 -4.53 -34.70 -16.59
C VAL B 16 -4.53 -35.30 -18.00
N GLU B 17 -4.50 -36.63 -18.08
CA GLU B 17 -4.51 -37.34 -19.36
C GLU B 17 -3.21 -37.14 -20.13
N ASN B 24 -3.33 -24.48 -26.04
CA ASN B 24 -2.18 -23.87 -25.38
C ASN B 24 -2.45 -23.58 -23.90
N GLY B 25 -2.52 -24.63 -23.09
CA GLY B 25 -2.75 -24.43 -21.68
C GLY B 25 -4.04 -25.00 -21.10
N ASN B 26 -3.87 -26.02 -20.26
CA ASN B 26 -4.99 -26.70 -19.62
C ASN B 26 -4.75 -26.80 -18.12
N HIS B 27 -5.74 -26.39 -17.32
CA HIS B 27 -5.66 -26.42 -15.87
C HIS B 27 -4.75 -25.35 -15.27
N GLU B 28 -5.21 -24.10 -15.36
CA GLU B 28 -4.46 -22.98 -14.80
C GLU B 28 -3.96 -23.40 -13.43
N LYS B 29 -2.86 -22.82 -12.97
CA LYS B 29 -2.33 -23.17 -11.66
C LYS B 29 -1.61 -22.01 -11.00
N GLU B 30 -1.76 -21.95 -9.68
CA GLU B 30 -1.16 -20.90 -8.86
C GLU B 30 -0.01 -21.46 -8.04
N PHE B 31 1.15 -20.83 -8.17
CA PHE B 31 2.33 -21.23 -7.41
C PHE B 31 3.14 -19.99 -7.09
N THR B 32 3.83 -20.00 -5.96
CA THR B 32 4.63 -18.85 -5.56
C THR B 32 6.10 -19.17 -5.39
N VAL B 33 6.90 -18.14 -5.57
CA VAL B 33 8.34 -18.23 -5.40
C VAL B 33 8.68 -17.04 -4.50
N ASN B 34 9.27 -17.31 -3.35
CA ASN B 34 9.64 -16.23 -2.45
C ASN B 34 11.15 -16.09 -2.34
N MSE B 35 11.64 -14.93 -2.73
CA MSE B 35 13.07 -14.65 -2.69
C MSE B 35 13.41 -13.80 -1.49
O MSE B 35 12.71 -12.85 -1.18
CB MSE B 35 13.47 -13.91 -3.96
CG MSE B 35 12.60 -14.23 -5.15
SE MSE B 35 13.36 -13.59 -6.80
CE MSE B 35 12.52 -11.85 -6.89
N ARG B 36 14.48 -14.16 -0.79
CA ARG B 36 14.94 -13.39 0.36
C ARG B 36 16.07 -12.56 -0.23
N CYS B 37 15.90 -11.24 -0.25
CA CYS B 37 16.91 -10.38 -0.87
C CYS B 37 17.62 -9.32 -0.02
N PRO B 38 18.64 -8.66 -0.61
CA PRO B 38 19.44 -7.61 0.01
C PRO B 38 18.50 -6.53 0.51
N TYR B 39 18.88 -5.84 1.58
CA TYR B 39 18.03 -4.79 2.13
C TYR B 39 17.75 -3.64 1.17
N ASN B 40 18.66 -3.41 0.22
CA ASN B 40 18.48 -2.30 -0.70
C ASN B 40 18.20 -2.65 -2.15
N LEU B 41 17.80 -3.89 -2.43
CA LEU B 41 17.51 -4.25 -3.82
C LEU B 41 16.37 -3.38 -4.36
N GLY B 42 16.52 -2.92 -5.61
CA GLY B 42 15.52 -2.06 -6.20
C GLY B 42 14.33 -2.68 -6.91
N THR B 43 14.36 -2.65 -8.24
CA THR B 43 13.26 -3.19 -9.03
C THR B 43 13.65 -4.40 -9.85
N MSE B 44 14.94 -4.70 -9.88
CA MSE B 44 15.48 -5.83 -10.63
C MSE B 44 14.45 -6.81 -11.20
O MSE B 44 13.58 -7.31 -10.48
CB MSE B 44 16.46 -6.62 -9.76
CG MSE B 44 17.01 -7.86 -10.43
SE MSE B 44 17.94 -9.01 -9.20
CE MSE B 44 16.40 -9.84 -8.35
N LYS B 45 14.55 -7.08 -12.50
CA LYS B 45 13.63 -8.02 -13.11
C LYS B 45 14.33 -9.38 -13.23
N VAL B 46 13.55 -10.44 -13.36
CA VAL B 46 14.12 -11.78 -13.48
C VAL B 46 13.78 -12.41 -14.83
N THR B 47 14.50 -13.50 -15.15
CA THR B 47 14.28 -14.20 -16.41
C THR B 47 14.06 -15.68 -16.17
N ILE B 48 13.09 -16.25 -16.85
CA ILE B 48 12.84 -17.68 -16.70
C ILE B 48 13.23 -18.35 -18.00
N THR B 49 14.15 -19.29 -17.92
CA THR B 49 14.58 -20.02 -19.10
C THR B 49 14.52 -21.51 -18.81
N ALA B 50 14.69 -22.30 -19.87
CA ALA B 50 14.67 -23.74 -19.78
C ALA B 50 15.66 -24.26 -20.81
N THR B 51 16.03 -25.53 -20.70
CA THR B 51 16.97 -26.13 -21.64
C THR B 51 16.35 -26.20 -23.03
N ASN B 52 15.12 -26.70 -23.12
CA ASN B 52 14.44 -26.81 -24.40
C ASN B 52 13.07 -26.16 -24.30
N THR B 53 12.71 -25.42 -25.33
CA THR B 53 11.42 -24.75 -25.35
C THR B 53 10.71 -24.95 -26.67
N TYR B 54 9.49 -24.44 -26.76
CA TYR B 54 8.66 -24.54 -27.95
C TYR B 54 7.40 -23.72 -27.77
N ASN B 55 7.07 -22.90 -28.77
CA ASN B 55 5.87 -22.06 -28.71
C ASN B 55 5.81 -21.28 -27.40
N ASN B 56 6.99 -20.95 -26.87
CA ASN B 56 7.13 -20.20 -25.62
C ASN B 56 6.67 -20.99 -24.42
N ALA B 57 7.09 -22.25 -24.37
CA ALA B 57 6.73 -23.13 -23.27
C ALA B 57 7.93 -24.01 -23.02
N ILE B 58 8.04 -24.56 -21.81
CA ILE B 58 9.15 -25.42 -21.48
C ILE B 58 8.91 -26.81 -22.06
N LEU B 59 9.90 -27.33 -22.78
CA LEU B 59 9.78 -28.65 -23.39
C LEU B 59 10.35 -29.69 -22.43
N VAL B 60 9.47 -30.39 -21.74
CA VAL B 60 9.87 -31.42 -20.78
C VAL B 60 10.45 -32.65 -21.49
N GLN B 61 10.67 -33.72 -20.72
CA GLN B 61 11.23 -34.96 -21.25
C GLN B 61 10.24 -36.12 -21.14
N SER B 67 12.00 -37.65 -30.08
CA SER B 67 13.07 -37.07 -29.26
C SER B 67 12.91 -35.56 -29.09
N SER B 68 12.41 -34.88 -30.13
CA SER B 68 12.22 -33.43 -30.08
C SER B 68 10.83 -33.07 -29.58
N ASP B 69 10.05 -34.09 -29.23
CA ASP B 69 8.70 -33.89 -28.73
C ASP B 69 8.62 -34.14 -27.23
N GLY B 70 7.64 -33.53 -26.59
CA GLY B 70 7.49 -33.69 -25.15
C GLY B 70 6.31 -32.90 -24.61
N LEU B 71 6.26 -32.76 -23.30
CA LEU B 71 5.16 -32.03 -22.67
C LEU B 71 5.47 -30.54 -22.71
N LEU B 72 4.44 -29.73 -22.60
CA LEU B 72 4.60 -28.28 -22.63
C LEU B 72 4.08 -27.62 -21.37
N VAL B 73 4.90 -26.76 -20.78
CA VAL B 73 4.51 -26.03 -19.58
C VAL B 73 4.55 -24.54 -19.86
N TYR B 74 3.40 -23.90 -19.79
CA TYR B 74 3.33 -22.47 -20.01
C TYR B 74 3.40 -21.77 -18.66
N LEU B 75 3.91 -20.55 -18.64
CA LEU B 75 4.04 -19.79 -17.40
C LEU B 75 3.42 -18.42 -17.55
N TYR B 76 2.62 -18.04 -16.57
CA TYR B 76 1.96 -16.74 -16.61
C TYR B 76 2.25 -15.90 -15.39
N ASN B 77 2.40 -14.61 -15.60
CA ASN B 77 2.66 -13.68 -14.52
C ASN B 77 1.32 -13.52 -13.82
N SER B 78 1.20 -14.08 -12.62
CA SER B 78 -0.04 -13.98 -11.86
C SER B 78 -0.51 -12.55 -11.70
N ASN B 79 -1.82 -12.37 -11.67
CA ASN B 79 -2.40 -11.04 -11.54
C ASN B 79 -3.52 -11.00 -10.49
N ALA B 80 -3.14 -10.77 -9.24
CA ALA B 80 -4.09 -10.70 -8.14
C ALA B 80 -4.96 -11.95 -8.10
N GLY B 81 -4.31 -13.11 -8.15
CA GLY B 81 -5.02 -14.37 -8.13
C GLY B 81 -5.53 -14.71 -9.52
N ASN B 82 -5.72 -13.67 -10.32
CA ASN B 82 -6.21 -13.83 -11.69
C ASN B 82 -5.03 -14.02 -12.63
N ILE B 83 -5.12 -15.00 -13.52
CA ILE B 83 -4.05 -15.25 -14.47
C ILE B 83 -3.88 -14.04 -15.39
N GLY B 84 -2.64 -13.59 -15.54
CA GLY B 84 -2.37 -12.45 -16.38
C GLY B 84 -1.42 -12.78 -17.51
N THR B 85 -0.81 -11.74 -18.07
CA THR B 85 0.13 -11.88 -19.16
C THR B 85 1.00 -13.14 -19.02
N ALA B 86 1.25 -13.78 -20.16
CA ALA B 86 2.07 -14.97 -20.18
C ALA B 86 3.50 -14.53 -19.97
N ILE B 87 4.37 -15.47 -19.67
CA ILE B 87 5.77 -15.15 -19.46
C ILE B 87 6.60 -15.58 -20.67
N THR B 88 7.28 -14.61 -21.28
CA THR B 88 8.12 -14.91 -22.43
C THR B 88 9.40 -15.54 -21.90
N LEU B 89 9.62 -16.79 -22.22
CA LEU B 89 10.82 -17.47 -21.75
C LEU B 89 12.06 -16.80 -22.35
N GLY B 90 13.06 -16.54 -21.51
CA GLY B 90 14.29 -15.92 -21.99
C GLY B 90 14.25 -14.41 -21.99
N THR B 91 13.14 -13.84 -21.53
CA THR B 91 13.03 -12.39 -21.49
C THR B 91 12.87 -11.92 -20.05
N PRO B 92 13.61 -10.90 -19.65
CA PRO B 92 13.54 -10.35 -18.28
C PRO B 92 12.19 -9.67 -18.09
N PHE B 93 11.64 -9.76 -16.89
CA PHE B 93 10.35 -9.14 -16.64
C PHE B 93 10.22 -8.65 -15.22
N THR B 94 9.46 -7.58 -15.04
CA THR B 94 9.21 -7.04 -13.72
C THR B 94 7.91 -7.68 -13.28
N PRO B 95 7.97 -8.54 -12.25
CA PRO B 95 6.77 -9.24 -11.75
C PRO B 95 5.54 -8.35 -11.53
N GLY B 96 4.37 -8.91 -11.80
CA GLY B 96 3.13 -8.16 -11.63
C GLY B 96 2.40 -8.54 -10.35
N LYS B 97 3.00 -9.43 -9.57
CA LYS B 97 2.41 -9.87 -8.31
C LYS B 97 3.51 -10.07 -7.27
N ILE B 98 3.99 -8.96 -6.70
CA ILE B 98 5.03 -8.99 -5.69
C ILE B 98 4.52 -8.53 -4.32
N THR B 99 4.75 -9.37 -3.31
CA THR B 99 4.31 -9.07 -1.94
C THR B 99 5.44 -9.20 -0.92
N GLY B 100 5.45 -8.32 0.07
CA GLY B 100 6.46 -8.38 1.11
C GLY B 100 7.59 -7.38 0.98
N ASN B 101 8.62 -7.60 1.80
CA ASN B 101 9.79 -6.74 1.82
C ASN B 101 10.91 -7.45 1.11
N ASN B 102 12.04 -6.77 0.93
CA ASN B 102 13.18 -7.37 0.27
C ASN B 102 13.60 -8.64 1.01
N ALA B 103 13.70 -8.53 2.33
CA ALA B 103 14.09 -9.65 3.18
C ALA B 103 13.19 -10.88 3.03
N ASP B 104 11.99 -10.68 2.51
CA ASP B 104 11.06 -11.78 2.33
C ASP B 104 10.04 -11.48 1.24
N LYS B 105 10.50 -11.50 -0.01
CA LYS B 105 9.63 -11.23 -1.16
C LYS B 105 8.85 -12.46 -1.60
N THR B 106 7.97 -12.24 -2.57
CA THR B 106 7.14 -13.30 -3.11
C THR B 106 6.64 -12.93 -4.50
N ILE B 107 6.71 -13.89 -5.42
CA ILE B 107 6.25 -13.69 -6.78
C ILE B 107 5.14 -14.70 -7.08
N SER B 108 3.96 -14.20 -7.42
CA SER B 108 2.83 -15.06 -7.74
C SER B 108 2.85 -15.35 -9.23
N LEU B 109 2.75 -16.62 -9.61
CA LEU B 109 2.77 -16.99 -11.02
C LEU B 109 1.76 -18.09 -11.34
N HIS B 110 1.46 -18.25 -12.63
CA HIS B 110 0.53 -19.27 -13.09
C HIS B 110 1.21 -20.21 -14.08
N ALA B 111 0.87 -21.48 -14.01
CA ALA B 111 1.47 -22.46 -14.91
C ALA B 111 0.46 -23.38 -15.59
N LYS B 112 0.15 -23.09 -16.85
CA LYS B 112 -0.78 -23.91 -17.61
C LYS B 112 -0.06 -25.20 -18.00
N LEU B 113 -0.59 -25.90 -18.99
CA LEU B 113 0.01 -27.15 -19.43
C LEU B 113 -0.42 -27.54 -20.85
N GLY B 114 0.38 -28.40 -21.48
CA GLY B 114 0.08 -28.84 -22.84
C GLY B 114 1.05 -29.90 -23.33
N TYR B 115 0.99 -30.22 -24.62
CA TYR B 115 1.87 -31.23 -25.21
C TYR B 115 2.19 -30.84 -26.65
N LYS B 116 3.29 -31.37 -27.17
CA LYS B 116 3.68 -31.07 -28.54
C LYS B 116 3.31 -32.22 -29.49
N PRO B 126 5.24 -39.71 -15.34
CA PRO B 126 6.22 -39.27 -14.35
C PRO B 126 7.29 -38.36 -14.94
N PHE B 127 6.98 -37.07 -15.02
CA PHE B 127 7.91 -36.08 -15.56
C PHE B 127 8.39 -35.12 -14.49
N SER B 128 9.66 -34.72 -14.59
CA SER B 128 10.25 -33.79 -13.63
C SER B 128 11.01 -32.70 -14.37
N ALA B 129 10.26 -31.77 -14.95
CA ALA B 129 10.85 -30.67 -15.72
C ALA B 129 11.47 -29.63 -14.80
N THR B 130 12.45 -28.91 -15.34
CA THR B 130 13.13 -27.87 -14.57
C THR B 130 13.12 -26.54 -15.33
N ALA B 131 12.97 -25.47 -14.57
CA ALA B 131 12.93 -24.13 -15.12
C ALA B 131 13.88 -23.26 -14.32
N THR B 132 14.79 -22.58 -15.03
CA THR B 132 15.74 -21.72 -14.36
C THR B 132 15.26 -20.29 -14.19
N LEU B 133 15.30 -19.85 -12.94
CA LEU B 133 14.91 -18.51 -12.57
C LEU B 133 16.21 -17.75 -12.53
N VAL B 134 16.42 -16.88 -13.51
CA VAL B 134 17.66 -16.11 -13.59
C VAL B 134 17.60 -14.75 -12.93
N ALA B 135 18.42 -14.55 -11.91
CA ALA B 135 18.49 -13.26 -11.24
C ALA B 135 19.81 -12.62 -11.65
N SER B 136 19.71 -11.63 -12.53
CA SER B 136 20.89 -10.91 -13.03
C SER B 136 20.95 -9.56 -12.33
N TYR B 137 21.96 -9.38 -11.50
CA TYR B 137 22.10 -8.16 -10.74
C TYR B 137 22.83 -7.03 -11.43
N SER B 138 22.23 -5.85 -11.39
CA SER B 138 22.86 -4.68 -11.95
C SER B 138 23.86 -4.21 -10.89
N ALA C 1 -7.03 12.16 1.48
CA ALA C 1 -8.38 12.06 2.14
C ALA C 1 -8.83 10.61 2.21
N VAL C 2 -9.14 10.15 3.41
CA VAL C 2 -9.61 8.77 3.59
C VAL C 2 -11.14 8.80 3.59
N SER C 3 -11.75 8.09 2.66
CA SER C 3 -13.20 8.06 2.58
C SER C 3 -13.80 6.71 2.97
N LEU C 4 -14.94 6.76 3.64
CA LEU C 4 -15.68 5.57 4.04
C LEU C 4 -16.90 5.54 3.11
N ASP C 5 -17.25 4.37 2.60
CA ASP C 5 -18.35 4.20 1.65
C ASP C 5 -19.80 4.34 2.14
N ARG C 6 -20.00 4.56 3.43
CA ARG C 6 -21.36 4.66 3.95
C ARG C 6 -21.42 5.46 5.24
N THR C 7 -22.61 5.94 5.60
CA THR C 7 -22.77 6.75 6.81
C THR C 7 -23.36 5.98 7.99
N ARG C 8 -23.62 4.69 7.78
CA ARG C 8 -24.13 3.80 8.82
C ARG C 8 -23.85 2.43 8.28
N ALA C 9 -23.85 1.45 9.16
CA ALA C 9 -23.60 0.10 8.73
C ALA C 9 -24.56 -0.84 9.44
N VAL C 10 -25.13 -1.76 8.69
CA VAL C 10 -26.03 -2.73 9.26
C VAL C 10 -25.28 -4.05 9.25
N PHE C 11 -25.18 -4.70 10.40
CA PHE C 11 -24.50 -5.99 10.45
C PHE C 11 -25.58 -7.06 10.48
N ASP C 12 -25.67 -7.85 9.42
CA ASP C 12 -26.66 -8.92 9.32
C ASP C 12 -26.28 -10.09 10.22
N GLY C 13 -26.86 -10.13 11.41
CA GLY C 13 -26.57 -11.19 12.37
C GLY C 13 -26.57 -12.60 11.83
N SER C 14 -27.19 -12.82 10.67
CA SER C 14 -27.24 -14.14 10.06
C SER C 14 -25.93 -14.51 9.36
N GLU C 15 -24.98 -13.58 9.37
CA GLU C 15 -23.67 -13.79 8.74
C GLU C 15 -22.56 -13.61 9.76
N LYS C 16 -21.37 -14.08 9.43
CA LYS C 16 -20.25 -13.94 10.34
C LYS C 16 -19.53 -12.60 10.21
N SER C 17 -19.40 -12.09 8.99
CA SER C 17 -18.71 -10.81 8.80
C SER C 17 -19.19 -10.00 7.60
N MSE C 18 -18.67 -8.77 7.50
CA MSE C 18 -19.01 -7.86 6.41
C MSE C 18 -17.85 -6.89 6.24
O MSE C 18 -17.21 -6.51 7.21
CB MSE C 18 -20.30 -7.10 6.74
CG MSE C 18 -20.15 -6.07 7.84
SE MSE C 18 -21.77 -5.05 8.14
CE MSE C 18 -22.30 -4.82 6.30
N THR C 19 -17.60 -6.47 5.01
CA THR C 19 -16.52 -5.54 4.72
C THR C 19 -17.03 -4.15 4.38
N LEU C 20 -16.23 -3.13 4.72
CA LEU C 20 -16.55 -1.75 4.41
C LEU C 20 -15.45 -1.23 3.48
N ASP C 21 -15.85 -0.54 2.41
CA ASP C 21 -14.88 0.00 1.46
C ASP C 21 -14.36 1.37 1.86
N ILE C 22 -13.04 1.50 1.82
CA ILE C 22 -12.39 2.78 2.12
C ILE C 22 -11.36 3.03 1.03
N SER C 23 -10.76 4.20 1.05
CA SER C 23 -9.75 4.54 0.06
C SER C 23 -9.11 5.87 0.37
N ASN C 24 -7.87 6.03 -0.12
CA ASN C 24 -7.11 7.26 0.05
C ASN C 24 -7.21 7.94 -1.30
N ASP C 25 -7.88 9.10 -1.33
CA ASP C 25 -8.08 9.81 -2.59
C ASP C 25 -7.06 10.89 -2.90
N ASN C 26 -6.01 10.98 -2.10
CA ASN C 26 -4.94 11.95 -2.33
C ASN C 26 -4.01 11.24 -3.32
N LYS C 27 -3.88 11.79 -4.52
CA LYS C 27 -3.01 11.17 -5.55
C LYS C 27 -1.55 11.56 -5.40
N GLN C 28 -1.09 11.78 -4.17
CA GLN C 28 0.29 12.16 -3.93
C GLN C 28 0.80 11.66 -2.58
N LEU C 29 0.13 12.04 -1.52
CA LEU C 29 0.54 11.63 -0.19
C LEU C 29 -0.18 10.37 0.27
N PRO C 30 0.54 9.43 0.90
CA PRO C 30 -0.08 8.19 1.37
C PRO C 30 -0.83 8.48 2.68
N TYR C 31 -1.58 7.49 3.19
CA TYR C 31 -2.34 7.69 4.42
C TYR C 31 -2.49 6.43 5.26
N LEU C 32 -2.65 6.63 6.57
CA LEU C 32 -2.87 5.54 7.51
C LEU C 32 -4.36 5.62 7.91
N ALA C 33 -4.99 4.48 8.15
CA ALA C 33 -6.40 4.50 8.52
C ALA C 33 -6.68 3.62 9.73
N GLN C 34 -7.02 4.29 10.84
CA GLN C 34 -7.36 3.61 12.09
C GLN C 34 -8.84 3.20 12.04
N ALA C 35 -9.13 1.96 12.42
CA ALA C 35 -10.51 1.48 12.44
C ALA C 35 -10.80 0.81 13.78
N TRP C 36 -11.86 1.23 14.44
CA TRP C 36 -12.20 0.61 15.72
C TRP C 36 -13.68 0.69 16.04
N ILE C 37 -14.08 -0.01 17.08
CA ILE C 37 -15.46 -0.05 17.47
C ILE C 37 -15.69 0.50 18.87
N GLU C 38 -16.82 1.19 19.03
CA GLU C 38 -17.21 1.75 20.30
C GLU C 38 -18.55 1.11 20.64
N ASN C 39 -18.95 1.16 21.90
CA ASN C 39 -20.21 0.57 22.27
C ASN C 39 -21.32 1.59 22.31
N GLU C 40 -22.47 1.12 22.77
CA GLU C 40 -23.68 1.91 22.91
C GLU C 40 -23.38 3.31 23.46
N ASN C 41 -22.50 3.39 24.44
CA ASN C 41 -22.18 4.68 25.04
C ASN C 41 -20.92 5.31 24.46
N GLN C 42 -20.49 4.79 23.33
CA GLN C 42 -19.33 5.30 22.65
C GLN C 42 -18.01 5.06 23.38
N GLU C 43 -17.98 3.98 24.15
CA GLU C 43 -16.79 3.58 24.88
C GLU C 43 -16.09 2.58 23.94
N LYS C 44 -14.83 2.85 23.63
CA LYS C 44 -14.09 1.95 22.75
C LYS C 44 -14.01 0.55 23.33
N ILE C 45 -14.05 -0.45 22.47
CA ILE C 45 -13.98 -1.84 22.89
C ILE C 45 -13.17 -2.62 21.87
N ILE C 46 -12.28 -3.48 22.36
CA ILE C 46 -11.40 -4.25 21.48
C ILE C 46 -11.55 -5.77 21.46
N THR C 47 -12.31 -6.35 22.39
CA THR C 47 -12.44 -7.81 22.42
C THR C 47 -13.77 -8.37 21.94
N GLY C 48 -14.63 -7.55 21.39
CA GLY C 48 -15.91 -8.04 20.90
C GLY C 48 -17.04 -7.39 21.65
N PRO C 49 -18.29 -7.85 21.47
CA PRO C 49 -18.66 -8.97 20.59
C PRO C 49 -18.54 -8.68 19.09
N VAL C 50 -18.17 -7.45 18.77
CA VAL C 50 -17.98 -7.06 17.37
C VAL C 50 -16.60 -6.41 17.30
N ILE C 51 -15.81 -6.79 16.30
CA ILE C 51 -14.47 -6.21 16.16
C ILE C 51 -14.17 -5.77 14.74
N ALA C 52 -13.35 -4.72 14.65
CA ALA C 52 -12.93 -4.17 13.38
C ALA C 52 -11.51 -4.65 13.11
N THR C 53 -11.27 -5.09 11.89
CA THR C 53 -9.97 -5.60 11.50
C THR C 53 -9.62 -5.19 10.07
N PRO C 54 -8.41 -4.67 9.85
CA PRO C 54 -7.39 -4.45 10.88
C PRO C 54 -7.52 -3.11 11.58
N PRO C 55 -6.98 -3.00 12.81
CA PRO C 55 -7.01 -1.77 13.62
C PRO C 55 -6.43 -0.53 12.93
N VAL C 56 -5.40 -0.72 12.11
CA VAL C 56 -4.77 0.39 11.40
C VAL C 56 -4.12 -0.16 10.14
N GLN C 57 -4.08 0.65 9.09
CA GLN C 57 -3.49 0.22 7.83
C GLN C 57 -3.06 1.40 6.97
N ARG C 58 -2.00 1.21 6.21
CA ARG C 58 -1.51 2.26 5.33
C ARG C 58 -2.23 2.17 3.99
N LEU C 59 -2.53 3.34 3.44
CA LEU C 59 -3.20 3.43 2.16
C LEU C 59 -2.38 4.34 1.27
N GLU C 60 -1.83 3.78 0.20
CA GLU C 60 -1.05 4.58 -0.72
C GLU C 60 -2.00 5.46 -1.51
N PRO C 61 -1.52 6.60 -2.02
CA PRO C 61 -2.36 7.51 -2.80
C PRO C 61 -3.22 6.79 -3.85
N GLY C 62 -4.51 7.13 -3.85
CA GLY C 62 -5.42 6.53 -4.81
C GLY C 62 -5.70 5.06 -4.57
N ALA C 63 -5.12 4.49 -3.52
CA ALA C 63 -5.33 3.08 -3.22
C ALA C 63 -6.65 2.84 -2.50
N LYS C 64 -7.25 1.68 -2.79
CA LYS C 64 -8.50 1.28 -2.18
C LYS C 64 -8.18 0.16 -1.20
N SER C 65 -9.08 -0.09 -0.26
CA SER C 65 -8.86 -1.14 0.73
C SER C 65 -10.13 -1.37 1.53
N MSE C 66 -10.06 -2.31 2.47
CA MSE C 66 -11.22 -2.63 3.27
C MSE C 66 -10.95 -2.73 4.77
O MSE C 66 -9.81 -2.75 5.22
CB MSE C 66 -11.83 -3.95 2.79
CG MSE C 66 -12.18 -3.94 1.31
SE MSE C 66 -13.18 -5.49 0.78
CE MSE C 66 -11.74 -6.78 0.82
N VAL C 67 -12.04 -2.77 5.52
CA VAL C 67 -12.02 -2.92 6.96
C VAL C 67 -13.09 -3.99 7.18
N ARG C 68 -12.72 -5.04 7.91
CA ARG C 68 -13.61 -6.15 8.16
C ARG C 68 -14.26 -6.10 9.55
N LEU C 69 -15.58 -6.32 9.59
CA LEU C 69 -16.31 -6.34 10.84
C LEU C 69 -16.72 -7.79 11.02
N SER C 70 -16.39 -8.36 12.17
CA SER C 70 -16.71 -9.74 12.47
C SER C 70 -17.25 -9.83 13.90
N THR C 71 -18.00 -10.89 14.19
CA THR C 71 -18.54 -11.07 15.53
C THR C 71 -17.83 -12.20 16.24
N THR C 72 -17.68 -12.07 17.55
CA THR C 72 -17.05 -13.12 18.35
C THR C 72 -18.16 -13.95 18.98
N PRO C 73 -17.82 -15.06 19.66
CA PRO C 73 -18.81 -15.93 20.31
C PRO C 73 -19.76 -15.18 21.23
N ASP C 74 -19.26 -14.15 21.90
CA ASP C 74 -20.06 -13.37 22.81
C ASP C 74 -21.19 -12.59 22.12
N ILE C 75 -21.31 -12.75 20.81
CA ILE C 75 -22.36 -12.07 20.08
C ILE C 75 -23.74 -12.60 20.47
N SER C 76 -23.80 -13.87 20.85
CA SER C 76 -25.06 -14.48 21.23
C SER C 76 -25.60 -13.94 22.57
N LYS C 77 -24.78 -13.17 23.28
CA LYS C 77 -25.24 -12.60 24.54
C LYS C 77 -26.11 -11.39 24.28
N LEU C 78 -26.18 -10.97 23.02
CA LEU C 78 -27.00 -9.82 22.64
C LEU C 78 -28.42 -10.28 22.40
N PRO C 79 -29.39 -9.42 22.68
CA PRO C 79 -30.79 -9.80 22.46
C PRO C 79 -30.96 -10.19 20.99
N GLN C 80 -31.83 -11.17 20.74
CA GLN C 80 -32.04 -11.65 19.38
C GLN C 80 -33.36 -11.17 18.81
N ASP C 81 -34.09 -10.38 19.59
CA ASP C 81 -35.39 -9.88 19.15
C ASP C 81 -35.37 -8.37 18.86
N ARG C 82 -34.18 -7.78 18.86
CA ARG C 82 -34.04 -6.36 18.62
C ARG C 82 -32.60 -5.99 18.24
N GLU C 83 -32.44 -4.79 17.68
CA GLU C 83 -31.12 -4.33 17.30
C GLU C 83 -30.33 -3.84 18.51
N SER C 84 -29.02 -4.00 18.43
CA SER C 84 -28.12 -3.51 19.47
C SER C 84 -27.29 -2.46 18.74
N LEU C 85 -26.94 -1.38 19.45
CA LEU C 85 -26.18 -0.29 18.87
C LEU C 85 -24.69 -0.25 19.19
N PHE C 86 -23.89 -0.05 18.16
CA PHE C 86 -22.45 0.07 18.32
C PHE C 86 -22.06 1.23 17.40
N TYR C 87 -20.79 1.60 17.42
CA TYR C 87 -20.31 2.65 16.55
C TYR C 87 -19.03 2.18 15.87
N PHE C 88 -18.89 2.55 14.61
CA PHE C 88 -17.71 2.21 13.84
C PHE C 88 -16.99 3.53 13.63
N ASN C 89 -15.70 3.58 13.93
CA ASN C 89 -14.94 4.80 13.76
C ASN C 89 -13.80 4.55 12.77
N LEU C 90 -13.53 5.55 11.94
CA LEU C 90 -12.47 5.49 10.94
C LEU C 90 -11.70 6.78 11.02
N ARG C 91 -10.50 6.73 11.58
CA ARG C 91 -9.70 7.93 11.72
C ARG C 91 -8.49 7.87 10.79
N GLU C 92 -8.26 8.97 10.08
CA GLU C 92 -7.15 9.03 9.16
C GLU C 92 -5.90 9.58 9.82
N ILE C 93 -4.77 8.97 9.52
CA ILE C 93 -3.50 9.42 10.05
C ILE C 93 -2.63 9.76 8.86
N PRO C 94 -2.68 11.02 8.41
CA PRO C 94 -1.89 11.45 7.27
C PRO C 94 -0.42 11.36 7.67
N PRO C 95 0.48 11.20 6.69
CA PRO C 95 1.90 11.11 7.02
C PRO C 95 2.39 12.41 7.65
N ARG C 96 3.43 12.30 8.46
CA ARG C 96 4.02 13.45 9.12
C ARG C 96 4.29 14.56 8.10
N SER C 97 3.67 15.72 8.29
CA SER C 97 3.86 16.86 7.40
C SER C 97 5.29 17.39 7.53
N GLU C 98 5.90 17.76 6.41
CA GLU C 98 7.26 18.31 6.42
C GLU C 98 7.29 19.76 6.85
N LYS C 99 6.13 20.32 7.20
CA LYS C 99 6.06 21.70 7.65
C LYS C 99 6.50 21.71 9.10
N ALA C 100 6.90 22.87 9.61
CA ALA C 100 7.37 22.97 10.99
C ALA C 100 6.37 23.55 11.98
N ASN C 101 5.84 24.73 11.66
CA ASN C 101 4.87 25.39 12.54
C ASN C 101 3.47 25.07 12.04
N VAL C 102 3.07 23.81 12.18
CA VAL C 102 1.76 23.40 11.70
C VAL C 102 0.91 22.50 12.58
N LEU C 103 -0.40 22.71 12.48
CA LEU C 103 -1.40 21.93 13.21
C LEU C 103 -2.07 21.06 12.14
N GLN C 104 -1.93 19.75 12.27
CA GLN C 104 -2.52 18.85 11.29
C GLN C 104 -3.98 18.54 11.65
N ILE C 105 -4.86 18.75 10.68
CA ILE C 105 -6.28 18.47 10.87
C ILE C 105 -6.51 17.07 10.33
N ALA C 106 -7.07 16.20 11.16
CA ALA C 106 -7.36 14.83 10.76
C ALA C 106 -8.85 14.54 10.94
N LEU C 107 -9.43 13.85 9.97
CA LEU C 107 -10.85 13.55 10.01
C LEU C 107 -11.12 12.20 10.62
N GLN C 108 -12.05 12.20 11.58
CA GLN C 108 -12.48 10.96 12.21
C GLN C 108 -13.96 10.85 11.82
N THR C 109 -14.31 9.72 11.25
CA THR C 109 -15.68 9.48 10.85
C THR C 109 -16.33 8.49 11.82
N LYS C 110 -17.41 8.90 12.47
CA LYS C 110 -18.12 8.02 13.39
C LYS C 110 -19.54 7.74 12.87
N ILE C 111 -19.81 6.49 12.49
CA ILE C 111 -21.11 6.12 11.97
C ILE C 111 -21.77 5.06 12.86
N LYS C 112 -23.09 5.07 12.91
CA LYS C 112 -23.85 4.10 13.70
C LYS C 112 -23.71 2.71 13.10
N LEU C 113 -23.47 1.73 13.95
CA LEU C 113 -23.32 0.35 13.50
C LEU C 113 -24.40 -0.47 14.21
N PHE C 114 -25.47 -0.78 13.47
CA PHE C 114 -26.58 -1.53 14.04
C PHE C 114 -26.37 -3.03 13.91
N TYR C 115 -26.55 -3.75 15.02
CA TYR C 115 -26.42 -5.21 14.97
C TYR C 115 -27.84 -5.74 14.83
N ARG C 116 -28.17 -6.22 13.64
CA ARG C 116 -29.52 -6.73 13.37
C ARG C 116 -29.52 -8.26 13.44
N PRO C 117 -29.95 -8.83 14.59
CA PRO C 117 -29.98 -10.28 14.73
C PRO C 117 -30.69 -11.00 13.57
N ALA C 118 -30.22 -12.19 13.26
CA ALA C 118 -30.80 -12.97 12.17
C ALA C 118 -32.31 -13.07 12.30
N ALA C 119 -32.78 -13.17 13.54
CA ALA C 119 -34.20 -13.29 13.81
C ALA C 119 -35.03 -12.15 13.22
N ILE C 120 -34.45 -10.95 13.12
CA ILE C 120 -35.19 -9.82 12.58
C ILE C 120 -34.59 -9.31 11.29
N LYS C 121 -33.93 -10.22 10.58
CA LYS C 121 -33.31 -9.91 9.30
C LYS C 121 -34.33 -9.23 8.38
N THR C 122 -33.88 -8.21 7.66
CA THR C 122 -34.77 -7.48 6.76
C THR C 122 -34.52 -7.80 5.29
N ARG C 123 -35.47 -7.41 4.45
CA ARG C 123 -35.37 -7.60 3.02
C ARG C 123 -34.96 -6.29 2.38
N PRO C 124 -34.29 -6.35 1.22
CA PRO C 124 -33.89 -5.12 0.55
C PRO C 124 -35.08 -4.21 0.33
N ASN C 125 -34.87 -2.91 0.48
CA ASN C 125 -35.92 -1.93 0.28
C ASN C 125 -37.12 -2.01 1.22
N GLU C 126 -37.06 -2.92 2.18
CA GLU C 126 -38.14 -3.05 3.15
C GLU C 126 -38.16 -1.85 4.07
N VAL C 127 -39.36 -1.36 4.37
CA VAL C 127 -39.54 -0.23 5.27
C VAL C 127 -40.33 -0.67 6.50
N TRP C 128 -39.96 -0.16 7.67
CA TRP C 128 -40.65 -0.48 8.91
C TRP C 128 -40.90 0.81 9.67
N GLN C 129 -40.26 1.88 9.21
CA GLN C 129 -40.37 3.17 9.88
C GLN C 129 -41.76 3.73 9.72
N ASP C 130 -42.54 3.15 8.79
CA ASP C 130 -43.91 3.61 8.59
C ASP C 130 -44.80 3.13 9.74
N GLN C 131 -44.25 2.31 10.62
CA GLN C 131 -45.02 1.81 11.76
C GLN C 131 -44.95 2.78 12.94
N LEU C 132 -44.25 3.91 12.76
CA LEU C 132 -44.17 4.90 13.82
C LEU C 132 -45.57 5.46 14.08
N ILE C 133 -45.77 5.99 15.28
CA ILE C 133 -47.05 6.57 15.69
C ILE C 133 -46.80 7.84 16.46
N LEU C 134 -47.43 8.94 16.03
CA LEU C 134 -47.27 10.20 16.72
C LEU C 134 -48.49 10.49 17.60
N ASN C 135 -48.32 10.41 18.92
CA ASN C 135 -49.44 10.69 19.82
C ASN C 135 -49.31 12.13 20.24
N LYS C 136 -50.21 12.97 19.74
CA LYS C 136 -50.18 14.39 20.06
C LYS C 136 -50.27 14.64 21.55
N VAL C 137 -49.41 15.52 22.05
CA VAL C 137 -49.37 15.89 23.46
C VAL C 137 -48.92 17.34 23.56
N SER C 138 -48.94 17.89 24.77
CA SER C 138 -48.54 19.28 24.95
C SER C 138 -47.06 19.46 24.65
N GLY C 139 -46.76 20.47 23.85
CA GLY C 139 -45.37 20.74 23.50
C GLY C 139 -44.90 19.97 22.27
N GLY C 140 -45.68 18.98 21.83
CA GLY C 140 -45.28 18.21 20.66
C GLY C 140 -45.95 16.85 20.53
N TYR C 141 -45.15 15.83 20.27
CA TYR C 141 -45.67 14.47 20.10
C TYR C 141 -44.88 13.43 20.88
N ARG C 142 -45.58 12.40 21.32
CA ARG C 142 -44.97 11.30 22.02
C ARG C 142 -44.88 10.29 20.89
N ILE C 143 -43.69 10.16 20.34
CA ILE C 143 -43.46 9.25 19.22
C ILE C 143 -43.20 7.85 19.69
N GLU C 144 -43.96 6.91 19.15
CA GLU C 144 -43.78 5.53 19.52
C GLU C 144 -43.11 4.75 18.40
N ASN C 145 -42.18 3.87 18.75
CA ASN C 145 -41.51 3.05 17.79
C ASN C 145 -41.67 1.61 18.24
N PRO C 146 -42.73 0.94 17.78
CA PRO C 146 -43.01 -0.45 18.14
C PRO C 146 -42.11 -1.48 17.46
N THR C 147 -41.26 -1.03 16.54
CA THR C 147 -40.40 -1.96 15.83
C THR C 147 -39.16 -2.40 16.61
N PRO C 148 -38.50 -3.47 16.17
CA PRO C 148 -37.30 -3.95 16.86
C PRO C 148 -36.06 -3.23 16.34
N TYR C 149 -36.27 -2.14 15.61
CA TYR C 149 -35.14 -1.43 15.03
C TYR C 149 -34.97 0.00 15.49
N TYR C 150 -33.72 0.45 15.49
CA TYR C 150 -33.44 1.82 15.85
C TYR C 150 -34.00 2.67 14.71
N VAL C 151 -34.73 3.73 15.04
CA VAL C 151 -35.28 4.62 14.04
C VAL C 151 -34.77 6.04 14.28
N THR C 152 -34.08 6.57 13.28
CA THR C 152 -33.50 7.91 13.38
C THR C 152 -34.36 8.94 12.67
N VAL C 153 -34.94 9.83 13.48
CA VAL C 153 -35.80 10.89 13.01
C VAL C 153 -35.05 12.19 12.81
N ILE C 154 -35.05 12.68 11.57
CA ILE C 154 -34.33 13.91 11.25
C ILE C 154 -35.26 15.08 10.88
N GLY C 155 -36.55 14.80 10.71
CA GLY C 155 -37.48 15.86 10.36
C GLY C 155 -38.92 15.60 10.77
N LEU C 156 -39.59 16.66 11.18
CA LEU C 156 -40.98 16.60 11.60
C LEU C 156 -41.64 17.95 11.30
N GLY C 157 -42.64 17.94 10.43
CA GLY C 157 -43.31 19.17 10.08
C GLY C 157 -44.75 18.99 9.65
N GLY C 158 -45.38 20.10 9.30
CA GLY C 158 -46.76 20.06 8.87
C GLY C 158 -46.87 19.90 7.37
N SER C 159 -45.71 19.86 6.71
CA SER C 159 -45.66 19.71 5.26
C SER C 159 -44.41 18.93 4.91
N GLU C 160 -44.44 18.24 3.78
CA GLU C 160 -43.28 17.46 3.36
C GLU C 160 -42.03 18.34 3.33
N LYS C 161 -42.13 19.52 2.75
CA LYS C 161 -40.99 20.42 2.65
C LYS C 161 -40.50 20.86 4.03
N GLN C 162 -41.44 21.14 4.92
CA GLN C 162 -41.10 21.57 6.26
C GLN C 162 -40.35 20.46 7.02
N ALA C 163 -40.75 19.21 6.77
CA ALA C 163 -40.09 18.09 7.42
C ALA C 163 -38.66 17.92 6.91
N GLU C 164 -38.44 18.20 5.63
CA GLU C 164 -37.11 18.05 5.05
C GLU C 164 -36.16 19.23 5.33
N GLU C 165 -36.69 20.38 5.70
CA GLU C 165 -35.83 21.54 5.94
C GLU C 165 -36.07 22.34 7.21
N GLY C 166 -37.19 22.09 7.89
CA GLY C 166 -37.44 22.81 9.13
C GLY C 166 -36.49 22.34 10.21
N GLU C 167 -35.65 23.23 10.73
CA GLU C 167 -34.69 22.88 11.78
C GLU C 167 -35.34 21.94 12.80
N PHE C 168 -34.67 20.82 13.07
CA PHE C 168 -35.21 19.82 13.97
C PHE C 168 -34.12 19.04 14.70
N GLU C 169 -34.23 18.95 16.02
CA GLU C 169 -33.23 18.22 16.78
C GLU C 169 -33.36 16.72 16.56
N THR C 170 -32.54 16.20 15.65
CA THR C 170 -32.54 14.80 15.33
C THR C 170 -32.62 13.99 16.62
N VAL C 171 -33.35 12.88 16.56
CA VAL C 171 -33.50 12.04 17.72
C VAL C 171 -33.63 10.62 17.22
N MSE C 172 -32.98 9.69 17.90
CA MSE C 172 -33.07 8.30 17.50
C MSE C 172 -33.90 7.58 18.55
O MSE C 172 -33.66 7.73 19.74
CB MSE C 172 -31.69 7.66 17.42
CG MSE C 172 -31.71 6.22 16.90
SE MSE C 172 -29.90 5.50 16.59
CE MSE C 172 -29.23 5.88 18.34
N LEU C 173 -34.87 6.81 18.09
CA LEU C 173 -35.73 6.06 18.99
C LEU C 173 -35.20 4.64 19.01
N SER C 174 -34.92 4.13 20.20
CA SER C 174 -34.42 2.77 20.33
C SER C 174 -35.58 1.83 20.01
N PRO C 175 -35.27 0.57 19.72
CA PRO C 175 -36.28 -0.46 19.41
C PRO C 175 -37.37 -0.50 20.49
N ARG C 176 -38.62 -0.72 20.08
CA ARG C 176 -39.74 -0.83 21.01
C ARG C 176 -39.73 0.18 22.13
N SER C 177 -39.88 1.45 21.81
CA SER C 177 -39.85 2.48 22.84
C SER C 177 -40.63 3.68 22.35
N GLU C 178 -40.56 4.76 23.13
CA GLU C 178 -41.24 6.00 22.76
C GLU C 178 -40.60 7.14 23.50
N GLN C 179 -40.71 8.35 22.95
CA GLN C 179 -40.16 9.54 23.57
C GLN C 179 -41.05 10.69 23.16
N THR C 180 -41.06 11.75 23.95
CA THR C 180 -41.84 12.92 23.61
C THR C 180 -40.84 13.86 22.95
N VAL C 181 -41.28 14.56 21.91
CA VAL C 181 -40.43 15.49 21.21
C VAL C 181 -41.12 16.84 21.07
N LYS C 182 -40.37 17.92 21.23
CA LYS C 182 -40.94 19.25 21.12
C LYS C 182 -41.32 19.51 19.67
N SER C 183 -42.44 20.20 19.48
CA SER C 183 -42.89 20.50 18.14
C SER C 183 -44.21 21.25 18.16
N ALA C 184 -44.40 22.10 17.16
CA ALA C 184 -45.64 22.85 17.04
C ALA C 184 -46.64 21.82 16.55
N ASN C 185 -47.92 22.03 16.83
CA ASN C 185 -48.94 21.08 16.38
C ASN C 185 -49.09 21.18 14.87
N TYR C 186 -49.24 20.02 14.22
CA TYR C 186 -49.41 19.96 12.78
C TYR C 186 -50.61 19.10 12.44
N ASN C 187 -51.59 19.67 11.74
CA ASN C 187 -52.79 18.92 11.37
C ASN C 187 -52.41 17.74 10.48
N THR C 188 -51.48 17.98 9.55
CA THR C 188 -51.02 16.94 8.64
C THR C 188 -49.52 16.77 8.84
N PRO C 189 -49.11 16.09 9.92
CA PRO C 189 -47.68 15.90 10.16
C PRO C 189 -46.91 15.04 9.18
N TYR C 190 -45.72 15.52 8.82
CA TYR C 190 -44.82 14.78 7.94
C TYR C 190 -43.54 14.55 8.74
N LEU C 191 -43.01 13.34 8.67
CA LEU C 191 -41.80 13.01 9.41
C LEU C 191 -40.78 12.40 8.46
N SER C 192 -39.51 12.77 8.63
CA SER C 192 -38.47 12.23 7.78
C SER C 192 -37.50 11.41 8.62
N TYR C 193 -36.92 10.38 8.03
CA TYR C 193 -35.99 9.51 8.74
C TYR C 193 -34.91 9.00 7.79
N ILE C 194 -33.86 8.41 8.35
CA ILE C 194 -32.78 7.89 7.55
C ILE C 194 -32.93 6.38 7.42
N ASN C 195 -32.87 5.86 6.20
CA ASN C 195 -32.96 4.43 6.00
C ASN C 195 -31.56 3.83 6.03
N ASP C 196 -31.50 2.50 5.94
CA ASP C 196 -30.24 1.79 5.98
C ASP C 196 -29.19 2.33 5.02
N TYR C 197 -29.63 2.80 3.84
CA TYR C 197 -28.70 3.28 2.82
C TYR C 197 -28.44 4.78 2.86
N GLY C 198 -28.76 5.43 3.97
CA GLY C 198 -28.51 6.85 4.08
C GLY C 198 -29.55 7.71 3.38
N GLY C 199 -30.55 7.07 2.77
CA GLY C 199 -31.60 7.82 2.10
C GLY C 199 -32.46 8.50 3.16
N ARG C 200 -33.10 9.61 2.80
CA ARG C 200 -33.94 10.35 3.74
C ARG C 200 -35.39 10.52 3.28
N PRO C 201 -36.19 9.45 3.36
CA PRO C 201 -37.61 9.45 2.96
C PRO C 201 -38.51 10.26 3.90
N VAL C 202 -39.66 10.70 3.39
CA VAL C 202 -40.62 11.46 4.17
C VAL C 202 -41.90 10.64 4.32
N LEU C 203 -42.44 10.61 5.54
CA LEU C 203 -43.66 9.87 5.82
C LEU C 203 -44.79 10.84 6.07
N SER C 204 -45.94 10.57 5.46
CA SER C 204 -47.12 11.41 5.64
C SER C 204 -47.99 10.79 6.71
N PHE C 205 -48.30 11.56 7.76
CA PHE C 205 -49.13 11.02 8.83
C PHE C 205 -50.57 11.52 8.83
N ILE C 206 -51.49 10.62 9.13
CA ILE C 206 -52.92 10.93 9.20
C ILE C 206 -53.36 10.90 10.66
N CYS C 207 -53.86 12.02 11.15
CA CYS C 207 -54.28 12.11 12.54
C CYS C 207 -55.77 11.90 12.78
N ASN C 208 -56.10 10.76 13.38
CA ASN C 208 -57.48 10.46 13.72
C ASN C 208 -57.65 11.02 15.13
N GLY C 209 -57.90 12.32 15.20
CA GLY C 209 -58.05 12.97 16.50
C GLY C 209 -56.71 13.30 17.13
N SER C 210 -56.19 12.38 17.93
CA SER C 210 -54.93 12.60 18.63
C SER C 210 -53.82 11.64 18.18
N ARG C 211 -54.22 10.49 17.65
CA ARG C 211 -53.27 9.48 17.20
C ARG C 211 -53.07 9.55 15.70
N CYS C 212 -51.82 9.73 15.27
CA CYS C 212 -51.52 9.81 13.85
C CYS C 212 -50.69 8.61 13.40
N SER C 213 -51.17 7.93 12.36
CA SER C 213 -50.46 6.80 11.80
C SER C 213 -50.33 7.02 10.30
N VAL C 214 -49.56 6.16 9.64
CA VAL C 214 -49.35 6.30 8.20
C VAL C 214 -50.24 5.33 7.45
N LYS C 215 -50.99 5.84 6.46
CA LYS C 215 -51.88 5.04 5.62
C LYS C 215 -52.35 3.70 6.21
N VAL D 1 -25.15 6.05 1.49
CA VAL D 1 -24.39 7.15 0.84
C VAL D 1 -22.97 7.26 1.42
N PRO D 2 -21.99 7.64 0.59
CA PRO D 2 -20.61 7.78 1.09
C PRO D 2 -20.45 8.93 2.09
N ALA D 3 -19.62 8.70 3.11
CA ALA D 3 -19.37 9.70 4.15
C ALA D 3 -18.59 10.91 3.66
N CYS D 4 -18.74 12.05 4.32
CA CYS D 4 -18.01 13.25 3.91
C CYS D 4 -16.52 12.98 3.91
N THR D 5 -15.81 13.70 3.04
CA THR D 5 -14.36 13.59 2.94
C THR D 5 -13.75 14.94 3.25
N VAL D 6 -12.49 14.93 3.67
CA VAL D 6 -11.78 16.17 3.96
C VAL D 6 -10.39 16.06 3.35
N SER D 7 -10.07 16.99 2.45
CA SER D 7 -8.76 16.99 1.80
C SER D 7 -7.74 17.55 2.79
N ASN D 8 -6.58 16.91 2.85
CA ASN D 8 -5.49 17.29 3.74
C ASN D 8 -5.55 18.79 4.06
N THR D 9 -5.80 19.11 5.33
CA THR D 9 -5.88 20.48 5.78
C THR D 9 -4.82 20.77 6.84
N THR D 10 -4.23 21.96 6.77
CA THR D 10 -3.20 22.37 7.71
C THR D 10 -3.29 23.87 7.98
N VAL D 11 -2.33 24.38 8.75
CA VAL D 11 -2.25 25.79 9.10
C VAL D 11 -0.80 26.11 9.47
N ASP D 12 -0.23 27.13 8.84
CA ASP D 12 1.17 27.54 9.08
C ASP D 12 1.36 28.69 10.06
N TRP D 13 2.51 28.69 10.72
CA TRP D 13 2.88 29.73 11.69
C TRP D 13 4.32 30.23 11.49
N GLU D 28 -1.86 34.88 15.62
CA GLU D 28 -3.05 34.16 15.20
C GLU D 28 -2.85 33.55 13.82
N LYS D 29 -3.96 33.22 13.16
CA LYS D 29 -3.92 32.62 11.82
C LYS D 29 -5.30 32.08 11.44
N GLU D 30 -5.85 32.61 10.37
CA GLU D 30 -7.17 32.19 9.88
C GLU D 30 -7.07 31.10 8.82
N PHE D 31 -7.73 29.97 9.08
CA PHE D 31 -7.75 28.85 8.15
C PHE D 31 -9.17 28.29 8.02
N THR D 32 -9.39 27.47 7.00
CA THR D 32 -10.71 26.88 6.79
C THR D 32 -10.60 25.43 6.39
N VAL D 33 -11.66 24.68 6.65
CA VAL D 33 -11.68 23.26 6.31
C VAL D 33 -12.84 23.01 5.36
N ASN D 34 -12.55 22.38 4.23
CA ASN D 34 -13.57 22.08 3.23
C ASN D 34 -13.98 20.60 3.27
N MSE D 35 -15.27 20.36 3.46
CA MSE D 35 -15.81 19.01 3.53
C MSE D 35 -16.65 18.71 2.29
O MSE D 35 -17.50 19.50 1.89
CB MSE D 35 -16.69 18.86 4.78
CG MSE D 35 -15.97 19.10 6.10
SE MSE D 35 -17.14 18.86 7.64
CE MSE D 35 -18.25 20.41 7.41
N ARG D 36 -16.39 17.55 1.69
CA ARG D 36 -17.14 17.10 0.52
C ARG D 36 -18.12 16.05 1.06
N CYS D 37 -19.39 16.38 1.08
CA CYS D 37 -20.41 15.52 1.65
C CYS D 37 -21.49 14.92 0.77
N PRO D 38 -22.25 13.95 1.32
CA PRO D 38 -23.34 13.29 0.59
C PRO D 38 -24.34 14.36 0.15
N TYR D 39 -25.03 14.13 -0.96
CA TYR D 39 -25.98 15.09 -1.51
C TYR D 39 -27.13 15.51 -0.60
N ASN D 40 -27.58 14.62 0.29
CA ASN D 40 -28.72 14.91 1.16
C ASN D 40 -28.36 15.13 2.62
N LEU D 41 -27.09 15.36 2.92
CA LEU D 41 -26.69 15.57 4.30
C LEU D 41 -27.32 16.83 4.87
N GLY D 42 -27.87 16.72 6.08
CA GLY D 42 -28.50 17.86 6.73
C GLY D 42 -27.51 18.74 7.48
N THR D 43 -27.99 19.47 8.48
CA THR D 43 -27.12 20.35 9.28
C THR D 43 -26.49 19.57 10.42
N MSE D 44 -25.39 18.88 10.10
CA MSE D 44 -24.65 18.06 11.05
C MSE D 44 -23.70 18.84 11.93
O MSE D 44 -23.11 19.85 11.50
CB MSE D 44 -23.88 16.99 10.26
CG MSE D 44 -22.95 16.12 11.07
SE MSE D 44 -21.93 14.93 9.95
CE MSE D 44 -20.70 16.21 9.17
N LYS D 45 -23.54 18.40 13.18
CA LYS D 45 -22.63 19.05 14.11
C LYS D 45 -21.31 18.27 14.15
N VAL D 46 -20.20 18.98 14.26
CA VAL D 46 -18.89 18.34 14.32
C VAL D 46 -18.24 18.58 15.67
N THR D 47 -17.22 17.80 15.95
CA THR D 47 -16.49 17.94 17.20
C THR D 47 -15.00 17.95 16.92
N ILE D 48 -14.30 18.93 17.46
CA ILE D 48 -12.86 18.97 17.27
C ILE D 48 -12.25 18.49 18.56
N THR D 49 -11.40 17.47 18.46
CA THR D 49 -10.76 16.92 19.64
C THR D 49 -9.25 16.88 19.43
N ALA D 50 -8.51 16.66 20.51
CA ALA D 50 -7.06 16.56 20.44
C ALA D 50 -6.59 15.48 21.42
N THR D 51 -5.36 15.00 21.25
CA THR D 51 -4.85 13.96 22.12
C THR D 51 -4.36 14.51 23.47
N ASN D 52 -3.87 15.75 23.45
CA ASN D 52 -3.40 16.39 24.68
C ASN D 52 -3.95 17.81 24.73
N THR D 53 -4.63 18.15 25.82
CA THR D 53 -5.22 19.46 25.96
C THR D 53 -5.05 20.08 27.34
N TYR D 54 -5.14 21.41 27.38
CA TYR D 54 -5.02 22.15 28.62
C TYR D 54 -5.79 23.46 28.47
N ASN D 55 -6.53 23.83 29.50
CA ASN D 55 -7.31 25.06 29.48
C ASN D 55 -8.12 25.24 28.20
N ASN D 56 -8.60 24.12 27.66
CA ASN D 56 -9.41 24.13 26.43
C ASN D 56 -8.59 24.40 25.17
N ALA D 57 -7.32 24.02 25.19
CA ALA D 57 -6.46 24.21 24.03
C ALA D 57 -5.70 22.93 23.76
N ILE D 58 -5.08 22.85 22.58
CA ILE D 58 -4.32 21.67 22.22
C ILE D 58 -2.91 21.79 22.78
N LEU D 59 -2.51 20.81 23.58
CA LEU D 59 -1.18 20.81 24.17
C LEU D 59 -0.19 20.12 23.25
N VAL D 60 0.40 20.88 22.35
CA VAL D 60 1.37 20.33 21.40
C VAL D 60 2.43 19.50 22.11
N GLN D 61 2.70 18.30 21.59
CA GLN D 61 3.69 17.41 22.19
C GLN D 61 5.07 17.61 21.58
N GLY D 70 3.91 22.63 27.70
CA GLY D 70 4.23 22.70 26.28
C GLY D 70 3.50 23.83 25.55
N LEU D 71 3.50 23.75 24.22
CA LEU D 71 2.84 24.76 23.38
C LEU D 71 1.33 24.55 23.38
N LEU D 72 0.58 25.63 23.18
CA LEU D 72 -0.88 25.55 23.18
C LEU D 72 -1.51 26.18 21.95
N VAL D 73 -2.54 25.53 21.40
CA VAL D 73 -3.24 26.05 20.23
C VAL D 73 -4.72 26.23 20.53
N TYR D 74 -5.22 27.43 20.25
CA TYR D 74 -6.62 27.76 20.47
C TYR D 74 -7.39 27.72 19.15
N LEU D 75 -8.69 27.49 19.24
CA LEU D 75 -9.55 27.43 18.06
C LEU D 75 -10.82 28.23 18.31
N TYR D 76 -11.22 28.99 17.30
CA TYR D 76 -12.43 29.81 17.39
C TYR D 76 -13.25 29.76 16.12
N ASN D 77 -14.52 30.12 16.25
CA ASN D 77 -15.45 30.15 15.13
C ASN D 77 -15.46 31.55 14.54
N SER D 78 -15.39 31.64 13.22
CA SER D 78 -15.41 32.93 12.54
C SER D 78 -16.88 33.28 12.32
N ASN D 79 -17.72 32.82 13.24
CA ASN D 79 -19.17 33.04 13.22
C ASN D 79 -19.62 34.21 12.36
N ALA D 80 -19.46 35.43 12.88
CA ALA D 80 -19.84 36.64 12.18
C ALA D 80 -19.00 36.81 10.92
N GLY D 81 -18.80 38.06 10.50
CA GLY D 81 -18.00 38.31 9.31
C GLY D 81 -16.59 37.79 9.50
N ASN D 82 -16.19 37.66 10.76
CA ASN D 82 -14.85 37.18 11.08
C ASN D 82 -14.84 36.46 12.44
N ILE D 83 -13.64 36.26 12.97
CA ILE D 83 -13.41 35.57 14.25
C ILE D 83 -14.53 35.73 15.28
N GLY D 84 -14.60 34.76 16.19
CA GLY D 84 -15.63 34.83 17.21
C GLY D 84 -15.53 33.73 18.25
N THR D 85 -16.68 33.38 18.81
CA THR D 85 -16.78 32.34 19.85
C THR D 85 -15.74 31.23 19.73
N ALA D 86 -15.17 30.85 20.86
CA ALA D 86 -14.15 29.81 20.89
C ALA D 86 -14.78 28.42 20.82
N ILE D 87 -14.09 27.52 20.12
CA ILE D 87 -14.56 26.15 19.98
C ILE D 87 -14.20 25.40 21.25
N THR D 88 -15.15 24.65 21.79
CA THR D 88 -14.89 23.90 23.00
C THR D 88 -14.49 22.48 22.62
N LEU D 89 -13.20 22.19 22.72
CA LEU D 89 -12.69 20.87 22.38
C LEU D 89 -13.47 19.78 23.08
N GLY D 90 -13.77 18.71 22.35
CA GLY D 90 -14.50 17.60 22.91
C GLY D 90 -16.01 17.79 23.02
N THR D 91 -16.53 18.86 22.45
CA THR D 91 -17.97 19.10 22.51
C THR D 91 -18.55 19.54 21.17
N PRO D 92 -19.49 18.76 20.62
CA PRO D 92 -20.12 19.07 19.33
C PRO D 92 -20.67 20.48 19.27
N PHE D 93 -20.73 21.02 18.06
CA PHE D 93 -21.22 22.38 17.89
C PHE D 93 -21.68 22.63 16.46
N THR D 94 -22.27 23.80 16.25
CA THR D 94 -22.76 24.21 14.94
C THR D 94 -21.86 25.36 14.47
N PRO D 95 -20.95 25.07 13.53
CA PRO D 95 -20.01 26.05 12.99
C PRO D 95 -20.61 27.43 12.70
N GLY D 96 -19.87 28.47 13.09
CA GLY D 96 -20.33 29.82 12.87
C GLY D 96 -20.40 30.22 11.41
N LYS D 97 -19.38 29.84 10.64
CA LYS D 97 -19.36 30.16 9.21
C LYS D 97 -19.26 28.92 8.34
N ILE D 98 -20.39 28.52 7.77
CA ILE D 98 -20.45 27.36 6.90
C ILE D 98 -20.86 27.82 5.50
N THR D 99 -19.90 27.82 4.58
CA THR D 99 -20.13 28.26 3.21
C THR D 99 -20.24 27.11 2.21
N GLY D 100 -21.04 27.33 1.16
CA GLY D 100 -21.21 26.33 0.13
C GLY D 100 -22.34 25.34 0.35
N ASN D 101 -22.33 24.30 -0.47
CA ASN D 101 -23.33 23.24 -0.39
C ASN D 101 -22.65 21.93 -0.02
N ASN D 102 -23.43 20.87 0.16
CA ASN D 102 -22.90 19.57 0.54
C ASN D 102 -21.66 19.19 -0.26
N ALA D 103 -21.70 19.45 -1.56
CA ALA D 103 -20.57 19.14 -2.44
C ALA D 103 -19.31 19.89 -2.01
N ASP D 104 -19.44 21.20 -1.82
CA ASP D 104 -18.32 22.03 -1.40
C ASP D 104 -18.73 22.75 -0.12
N LYS D 105 -18.48 22.14 1.03
CA LYS D 105 -18.85 22.73 2.31
C LYS D 105 -17.60 23.18 3.07
N THR D 106 -17.45 24.50 3.23
CA THR D 106 -16.29 25.05 3.90
C THR D 106 -16.56 25.62 5.30
N ILE D 107 -15.69 25.30 6.24
CA ILE D 107 -15.78 25.78 7.62
C ILE D 107 -14.60 26.71 7.88
N SER D 108 -14.88 27.90 8.40
CA SER D 108 -13.85 28.89 8.70
C SER D 108 -13.50 28.90 10.18
N LEU D 109 -12.29 28.45 10.50
CA LEU D 109 -11.84 28.39 11.87
C LEU D 109 -10.55 29.17 12.10
N HIS D 110 -10.44 29.79 13.28
CA HIS D 110 -9.26 30.57 13.64
C HIS D 110 -8.45 29.85 14.69
N ALA D 111 -7.14 30.09 14.69
CA ALA D 111 -6.25 29.46 15.66
C ALA D 111 -5.24 30.42 16.28
N LYS D 112 -5.17 30.40 17.61
CA LYS D 112 -4.24 31.23 18.36
C LYS D 112 -3.27 30.31 19.07
N LEU D 113 -2.23 30.88 19.68
CA LEU D 113 -1.23 30.08 20.38
C LEU D 113 -0.89 30.57 21.79
N GLY D 114 -0.22 29.71 22.54
CA GLY D 114 0.17 30.04 23.89
C GLY D 114 0.96 28.89 24.49
N TYR D 115 1.09 28.86 25.81
CA TYR D 115 1.83 27.79 26.48
C TYR D 115 1.65 27.83 27.99
N LYS D 116 2.55 27.17 28.70
CA LYS D 116 2.54 27.10 30.16
C LYS D 116 3.45 25.98 30.64
N PRO D 126 9.63 23.69 15.29
CA PRO D 126 9.32 22.51 14.47
C PRO D 126 8.31 21.58 15.16
N PHE D 127 7.18 22.14 15.55
CA PHE D 127 6.13 21.37 16.25
C PHE D 127 5.05 20.80 15.34
N SER D 128 4.69 19.55 15.58
CA SER D 128 3.64 18.86 14.81
C SER D 128 2.42 18.64 15.69
N ALA D 129 1.47 19.57 15.64
CA ALA D 129 0.26 19.43 16.44
C ALA D 129 -0.83 18.73 15.64
N THR D 130 -1.65 17.94 16.31
CA THR D 130 -2.73 17.22 15.65
C THR D 130 -4.10 17.45 16.30
N ALA D 131 -5.02 17.96 15.49
CA ALA D 131 -6.38 18.19 15.95
C ALA D 131 -7.28 17.26 15.13
N THR D 132 -8.16 16.53 15.81
CA THR D 132 -9.05 15.60 15.14
C THR D 132 -10.45 16.21 14.94
N LEU D 133 -10.92 16.18 13.69
CA LEU D 133 -12.23 16.69 13.36
C LEU D 133 -13.11 15.46 13.33
N VAL D 134 -14.05 15.38 14.25
CA VAL D 134 -14.94 14.22 14.33
C VAL D 134 -16.27 14.48 13.64
N ALA D 135 -16.59 13.62 12.68
CA ALA D 135 -17.87 13.71 11.97
C ALA D 135 -18.70 12.51 12.46
N SER D 136 -19.60 12.76 13.40
CA SER D 136 -20.48 11.70 13.93
C SER D 136 -21.79 11.81 13.16
N TYR D 137 -22.15 10.76 12.44
CA TYR D 137 -23.35 10.84 11.62
C TYR D 137 -24.65 10.33 12.23
N SER D 138 -25.68 11.16 12.15
CA SER D 138 -26.97 10.75 12.63
C SER D 138 -27.42 9.66 11.65
#